data_9DZP
#
_entry.id   9DZP
#
_cell.length_a   83.580
_cell.length_b   83.040
_cell.length_c   86.880
_cell.angle_alpha   90.000
_cell.angle_beta   107.740
_cell.angle_gamma   90.000
#
_symmetry.space_group_name_H-M   'P 1 21 1'
#
loop_
_entity.id
_entity.type
_entity.pdbx_description
1 polymer 'Photoreceptor-histidine kinase BphP'
2 non-polymer '3-[(2Z)-2-({3-(2-carboxyethyl)-5-[(E)-(4-ethenyl-3-methyl-5-oxo-1,5-dihydro-2H-pyrrol-2-ylidene)methyl]-4-methyl-1H-pyrrol-2-yl}methylidene)-5-{(Z)-[(3E,4S)-3-ethylidene-4-methyl-5-oxopyrrolidin-2-ylidene]methyl}-4-methyl-2H-pyrrol-3-yl]propanoic acid'
3 non-polymer BENZAMIDINE
4 water water
#
_entity_poly.entity_id   1
_entity_poly.type   'polypeptide(L)'
_entity_poly.pdbx_seq_one_letter_code
;DLSQCDREPIHLLGGIQSHGVLLAFRGPDRLLEVVSANAQALLGRPPETLLGQPVGRVLPAEVLAQWEPLVARGSVRVVL
PAGAYRALLHESDGLTVLELEPAELQPGMEETALEVVRRLVSPLAGVKGTQALLQTAADTVRALTGFDRVMVYRFDADWH
GEVLAESKRGGMDGFLGMHFPATDIPVQARALYTRNPLRLIADARARPVPLLPPVVPALGRPLDLSNSALRSVSPVHLEY
LRNMGVGASFSLSLLKEGVLWGLIACHHLEPLHISHERRRACEVLTQLLALQLSAEERAAEASEDAHRAALLGQLATAMG
EGGTLEEVLEKESERVLALTGAAGVALLLGEEPLLVGCTPAQDEVEALVAWLATQPFQTSFHTDRLGTVYPPLAARADVA
AGILAVRLAPAAARFAIWFRPEVARTISWAGNPRKPAEPEPGHQRLHPRGSFQAWEETVRDTSLPWKRADLGAAEGFRGA
LV
;
_entity_poly.pdbx_strand_id   A,B
#
# COMPACT_ATOMS: atom_id res chain seq x y z
N ASP A 1 23.24 -14.77 -24.76
CA ASP A 1 22.38 -15.66 -23.96
C ASP A 1 22.14 -17.00 -24.65
N LEU A 2 21.36 -17.86 -23.99
CA LEU A 2 21.23 -19.27 -24.35
C LEU A 2 20.61 -19.46 -25.73
N SER A 3 19.28 -19.49 -25.78
CA SER A 3 18.57 -19.86 -27.01
C SER A 3 18.75 -18.79 -28.09
N GLN A 4 18.31 -19.14 -29.30
CA GLN A 4 17.97 -18.12 -30.26
C GLN A 4 16.83 -17.25 -29.77
N CYS A 5 16.01 -17.76 -28.84
CA CYS A 5 14.86 -17.01 -28.34
C CYS A 5 15.29 -15.68 -27.73
N ASP A 6 16.39 -15.69 -26.97
CA ASP A 6 16.92 -14.46 -26.37
C ASP A 6 17.51 -13.50 -27.39
N ARG A 7 17.87 -13.98 -28.59
CA ARG A 7 18.66 -13.21 -29.53
C ARG A 7 17.84 -12.19 -30.32
N GLU A 8 16.54 -12.44 -30.48
CA GLU A 8 15.72 -11.64 -31.37
C GLU A 8 15.66 -10.18 -30.92
N PRO A 9 16.07 -9.22 -31.75
CA PRO A 9 16.02 -7.80 -31.34
C PRO A 9 14.62 -7.21 -31.52
N ILE A 10 13.75 -7.49 -30.55
CA ILE A 10 12.32 -7.24 -30.72
C ILE A 10 11.99 -5.74 -30.82
N HIS A 11 12.91 -4.85 -30.44
CA HIS A 11 12.69 -3.42 -30.60
C HIS A 11 13.17 -2.92 -31.95
N LEU A 12 13.78 -3.79 -32.76
CA LEU A 12 14.34 -3.40 -34.05
C LEU A 12 13.73 -4.20 -35.20
N LEU A 13 12.44 -4.53 -35.12
CA LEU A 13 11.82 -5.31 -36.17
C LEU A 13 11.24 -4.47 -37.30
N GLY A 14 11.08 -3.16 -37.10
CA GLY A 14 10.68 -2.29 -38.18
C GLY A 14 9.22 -2.35 -38.60
N GLY A 15 8.34 -2.87 -37.76
CA GLY A 15 6.93 -2.95 -38.09
C GLY A 15 6.03 -2.38 -37.00
N ILE A 16 4.90 -1.81 -37.43
CA ILE A 16 3.86 -1.36 -36.51
C ILE A 16 2.55 -2.08 -36.83
N GLN A 17 1.61 -1.99 -35.88
CA GLN A 17 0.31 -2.60 -36.05
C GLN A 17 -0.58 -1.73 -36.94
N SER A 18 -1.47 -2.38 -37.67
CA SER A 18 -2.15 -1.73 -38.78
C SER A 18 -3.22 -0.75 -38.33
N HIS A 19 -3.61 -0.77 -37.07
CA HIS A 19 -4.65 0.15 -36.63
C HIS A 19 -4.13 1.57 -36.42
N GLY A 20 -2.82 1.80 -36.49
CA GLY A 20 -2.26 3.11 -36.23
C GLY A 20 -1.24 3.53 -37.28
N VAL A 21 -0.75 4.75 -37.11
CA VAL A 21 0.20 5.35 -38.04
C VAL A 21 1.34 5.93 -37.22
N LEU A 22 2.56 5.87 -37.79
CA LEU A 22 3.73 6.41 -37.11
C LEU A 22 4.49 7.34 -38.04
N LEU A 23 4.91 8.49 -37.49
CA LEU A 23 5.67 9.48 -38.23
C LEU A 23 6.80 9.94 -37.34
N ALA A 24 7.99 10.05 -37.92
CA ALA A 24 9.18 10.44 -37.16
C ALA A 24 9.84 11.60 -37.87
N PHE A 25 10.13 12.66 -37.10
CA PHE A 25 10.59 13.96 -37.60
C PHE A 25 11.93 14.31 -36.99
N ARG A 26 12.77 15.05 -37.72
CA ARG A 26 13.97 15.50 -37.03
C ARG A 26 14.38 16.90 -37.44
N GLY A 27 15.21 17.47 -36.58
CA GLY A 27 15.82 18.75 -36.86
C GLY A 27 14.86 19.87 -36.59
N PRO A 28 15.39 21.10 -36.64
CA PRO A 28 14.56 22.27 -36.31
C PRO A 28 13.38 22.44 -37.25
N ASP A 29 13.52 22.00 -38.50
CA ASP A 29 12.45 22.08 -39.49
C ASP A 29 11.45 20.93 -39.39
N ARG A 30 11.63 20.00 -38.46
CA ARG A 30 10.75 18.83 -38.32
C ARG A 30 10.50 18.13 -39.66
N LEU A 31 11.59 17.75 -40.32
CA LEU A 31 11.49 17.03 -41.59
C LEU A 31 11.12 15.57 -41.34
N LEU A 32 10.15 15.06 -42.09
CA LEU A 32 9.73 13.68 -41.93
C LEU A 32 10.85 12.76 -42.39
N GLU A 33 11.28 11.86 -41.50
CA GLU A 33 12.41 10.98 -41.79
C GLU A 33 12.00 9.51 -41.90
N VAL A 34 11.05 9.07 -41.08
CA VAL A 34 10.54 7.71 -41.10
C VAL A 34 9.03 7.80 -41.03
N VAL A 35 8.36 7.00 -41.84
CA VAL A 35 6.88 7.00 -41.84
C VAL A 35 6.42 5.58 -42.09
N SER A 36 5.29 5.19 -41.47
CA SER A 36 4.76 3.85 -41.75
C SER A 36 4.12 3.82 -43.13
N ALA A 37 4.16 2.64 -43.78
CA ALA A 37 3.69 2.52 -45.16
C ALA A 37 2.19 2.73 -45.30
N ASN A 38 1.43 2.65 -44.20
CA ASN A 38 0.00 2.85 -44.25
C ASN A 38 -0.40 4.30 -44.02
N ALA A 39 0.55 5.23 -44.01
CA ALA A 39 0.23 6.60 -43.57
C ALA A 39 -0.73 7.33 -44.52
N GLN A 40 -0.99 6.81 -45.71
CA GLN A 40 -2.06 7.40 -46.53
C GLN A 40 -3.43 7.08 -45.96
N ALA A 41 -3.57 5.97 -45.24
CA ALA A 41 -4.82 5.62 -44.57
C ALA A 41 -5.30 6.72 -43.63
N LEU A 42 -4.46 7.68 -43.28
CA LEU A 42 -4.90 8.83 -42.53
C LEU A 42 -4.50 10.17 -43.13
N LEU A 43 -3.59 10.21 -44.11
CA LEU A 43 -3.00 11.48 -44.53
C LEU A 43 -3.28 11.86 -45.99
N GLY A 44 -4.07 11.07 -46.73
CA GLY A 44 -4.44 11.46 -48.07
C GLY A 44 -3.41 11.21 -49.15
N ARG A 45 -2.14 11.44 -48.86
CA ARG A 45 -1.13 11.33 -49.90
C ARG A 45 -0.20 10.14 -49.68
N PRO A 46 0.41 9.61 -50.74
CA PRO A 46 1.33 8.46 -50.60
C PRO A 46 2.51 8.80 -49.70
N PRO A 47 2.77 7.98 -48.68
CA PRO A 47 3.83 8.30 -47.70
C PRO A 47 5.21 8.55 -48.30
N GLU A 48 5.65 7.77 -49.31
CA GLU A 48 7.00 7.97 -49.84
C GLU A 48 7.19 9.38 -50.39
N THR A 49 6.11 10.00 -50.85
CA THR A 49 6.16 11.38 -51.33
C THR A 49 6.30 12.39 -50.21
N LEU A 50 6.16 11.97 -48.95
CA LEU A 50 6.22 12.89 -47.82
C LEU A 50 7.55 12.86 -47.08
N LEU A 51 8.41 11.89 -47.37
CA LEU A 51 9.72 11.85 -46.72
C LEU A 51 10.52 13.09 -47.10
N GLY A 52 11.14 13.72 -46.11
CA GLY A 52 11.89 14.92 -46.36
C GLY A 52 11.07 16.21 -46.33
N GLN A 53 9.72 16.12 -46.13
CA GLN A 53 8.88 17.30 -46.08
C GLN A 53 8.79 17.83 -44.65
N PRO A 54 8.62 19.14 -44.50
CA PRO A 54 8.41 19.70 -43.16
C PRO A 54 7.04 19.30 -42.61
N VAL A 55 6.96 19.25 -41.28
CA VAL A 55 5.75 18.77 -40.61
C VAL A 55 4.53 19.56 -41.05
N GLY A 56 4.67 20.88 -41.21
CA GLY A 56 3.53 21.71 -41.56
C GLY A 56 2.91 21.35 -42.89
N ARG A 57 3.63 20.62 -43.73
CA ARG A 57 3.10 20.25 -45.03
C ARG A 57 2.59 18.82 -45.10
N VAL A 58 2.91 17.96 -44.14
CA VAL A 58 2.47 16.59 -44.18
C VAL A 58 1.25 16.36 -43.28
N LEU A 59 1.20 16.99 -42.09
CA LEU A 59 0.14 16.65 -41.16
C LEU A 59 -1.18 17.30 -41.58
N PRO A 60 -2.30 16.65 -41.31
CA PRO A 60 -3.61 17.30 -41.52
C PRO A 60 -3.73 18.55 -40.65
N ALA A 61 -4.53 19.50 -41.15
CA ALA A 61 -4.82 20.71 -40.39
C ALA A 61 -5.32 20.40 -38.98
N GLU A 62 -6.13 19.34 -38.85
CA GLU A 62 -6.71 19.02 -37.54
C GLU A 62 -5.64 18.66 -36.52
N VAL A 63 -4.56 18.01 -36.96
CA VAL A 63 -3.47 17.69 -36.05
C VAL A 63 -2.61 18.92 -35.76
N LEU A 64 -2.31 19.69 -36.81
CA LEU A 64 -1.55 20.92 -36.63
C LEU A 64 -2.28 21.88 -35.70
N ALA A 65 -3.62 21.91 -35.77
CA ALA A 65 -4.38 22.75 -34.86
C ALA A 65 -4.13 22.38 -33.40
N GLN A 66 -3.71 21.15 -33.13
CA GLN A 66 -3.44 20.71 -31.76
C GLN A 66 -1.94 20.56 -31.47
N TRP A 67 -1.09 21.21 -32.26
CA TRP A 67 0.34 20.91 -32.15
C TRP A 67 0.91 21.39 -30.83
N GLU A 68 0.41 22.50 -30.31
CA GLU A 68 1.01 23.06 -29.09
C GLU A 68 0.68 22.20 -27.87
N PRO A 69 -0.58 21.84 -27.60
CA PRO A 69 -0.82 20.89 -26.51
C PRO A 69 -0.16 19.55 -26.72
N LEU A 70 0.01 19.10 -27.97
CA LEU A 70 0.67 17.81 -28.20
C LEU A 70 2.10 17.83 -27.70
N VAL A 71 2.90 18.80 -28.17
CA VAL A 71 4.29 18.89 -27.74
C VAL A 71 4.37 19.11 -26.24
N ALA A 72 3.56 20.05 -25.73
CA ALA A 72 3.58 20.39 -24.32
C ALA A 72 3.44 19.16 -23.44
N ARG A 73 2.35 18.41 -23.60
CA ARG A 73 2.07 17.32 -22.66
C ARG A 73 2.17 15.93 -23.28
N GLY A 74 2.58 15.81 -24.56
CA GLY A 74 2.94 14.53 -25.13
C GLY A 74 1.81 13.60 -25.53
N SER A 75 0.57 14.08 -25.54
CA SER A 75 -0.58 13.23 -25.80
C SER A 75 -1.82 14.09 -25.95
N VAL A 76 -2.55 13.94 -27.05
CA VAL A 76 -3.72 14.78 -27.27
C VAL A 76 -4.75 14.00 -28.08
N ARG A 77 -6.01 14.40 -27.94
CA ARG A 77 -7.11 13.86 -28.74
C ARG A 77 -7.35 14.74 -29.95
N VAL A 78 -7.44 14.14 -31.14
CA VAL A 78 -7.64 14.87 -32.39
C VAL A 78 -8.77 14.22 -33.17
N VAL A 79 -9.62 15.04 -33.78
CA VAL A 79 -10.78 14.54 -34.51
C VAL A 79 -10.49 14.69 -35.99
N LEU A 80 -10.34 13.57 -36.68
CA LEU A 80 -10.01 13.48 -38.08
C LEU A 80 -11.23 13.02 -38.86
N PRO A 81 -11.21 13.16 -40.19
CA PRO A 81 -12.31 12.58 -40.99
C PRO A 81 -12.51 11.10 -40.71
N ALA A 82 -11.41 10.36 -40.52
CA ALA A 82 -11.53 8.95 -40.20
C ALA A 82 -12.03 8.71 -38.78
N GLY A 83 -12.25 9.74 -37.98
CA GLY A 83 -12.73 9.56 -36.62
C GLY A 83 -11.79 10.19 -35.61
N ALA A 84 -12.04 9.86 -34.33
CA ALA A 84 -11.28 10.41 -33.22
C ALA A 84 -10.02 9.58 -32.98
N TYR A 85 -8.87 10.24 -32.89
CA TYR A 85 -7.59 9.58 -32.71
C TYR A 85 -6.84 10.21 -31.56
N ARG A 86 -6.03 9.39 -30.90
CA ARG A 86 -5.11 9.84 -29.87
C ARG A 86 -3.75 10.04 -30.56
N ALA A 87 -3.19 11.25 -30.42
CA ALA A 87 -1.84 11.53 -30.90
C ALA A 87 -0.86 11.41 -29.74
N LEU A 88 0.25 10.71 -29.97
CA LEU A 88 1.24 10.47 -28.93
C LEU A 88 2.65 10.77 -29.44
N LEU A 89 3.45 11.38 -28.58
CA LEU A 89 4.76 11.87 -28.96
C LEU A 89 5.78 11.26 -28.01
N HIS A 90 6.85 10.70 -28.56
CA HIS A 90 8.02 10.35 -27.77
C HIS A 90 9.24 10.57 -28.65
N GLU A 91 10.43 10.41 -28.06
CA GLU A 91 11.68 10.61 -28.78
C GLU A 91 12.44 9.30 -28.83
N SER A 92 12.99 8.98 -30.01
CA SER A 92 13.78 7.78 -30.22
C SER A 92 14.82 8.06 -31.28
N ASP A 93 16.06 7.65 -31.03
CA ASP A 93 17.16 7.78 -31.98
C ASP A 93 17.33 9.22 -32.49
N GLY A 94 17.08 10.21 -31.65
CA GLY A 94 17.20 11.60 -32.06
C GLY A 94 16.06 12.14 -32.89
N LEU A 95 14.97 11.38 -33.05
CA LEU A 95 13.80 11.79 -33.80
C LEU A 95 12.66 12.06 -32.84
N THR A 96 11.74 12.95 -33.23
CA THR A 96 10.47 13.08 -32.55
C THR A 96 9.46 12.14 -33.20
N VAL A 97 8.94 11.18 -32.45
CA VAL A 97 8.10 10.13 -33.01
C VAL A 97 6.65 10.46 -32.69
N LEU A 98 5.81 10.49 -33.72
CA LEU A 98 4.39 10.77 -33.58
C LEU A 98 3.63 9.51 -33.92
N GLU A 99 2.79 9.04 -32.99
CA GLU A 99 1.93 7.90 -33.24
C GLU A 99 0.47 8.31 -33.08
N LEU A 100 -0.37 7.79 -33.97
CA LEU A 100 -1.80 8.04 -33.98
C LEU A 100 -2.54 6.72 -33.88
N GLU A 101 -3.54 6.67 -33.00
CA GLU A 101 -4.20 5.45 -32.62
C GLU A 101 -5.65 5.81 -32.37
N PRO A 102 -6.61 4.95 -32.72
CA PRO A 102 -8.02 5.30 -32.45
C PRO A 102 -8.21 5.64 -30.99
N ALA A 103 -8.98 6.70 -30.74
CA ALA A 103 -9.14 7.23 -29.39
C ALA A 103 -10.32 6.58 -28.68
N GLU A 104 -10.34 6.74 -27.35
CA GLU A 104 -11.45 6.20 -26.55
C GLU A 104 -12.79 6.77 -27.00
N LEU A 105 -13.75 5.88 -27.18
CA LEU A 105 -15.08 6.25 -27.66
C LEU A 105 -16.10 6.43 -26.55
N GLN A 106 -15.88 5.85 -25.37
CA GLN A 106 -16.87 5.94 -24.29
C GLN A 106 -16.58 7.15 -23.40
N PRO A 107 -17.45 8.15 -23.33
CA PRO A 107 -17.19 9.30 -22.46
C PRO A 107 -17.13 8.94 -20.98
N GLY A 108 -17.82 7.90 -20.55
CA GLY A 108 -17.84 7.56 -19.13
C GLY A 108 -16.70 6.65 -18.67
N MET A 109 -15.66 6.50 -19.51
CA MET A 109 -14.61 5.53 -19.21
C MET A 109 -13.91 5.85 -17.90
N GLU A 110 -13.57 7.11 -17.68
CA GLU A 110 -12.83 7.49 -16.47
C GLU A 110 -13.70 7.32 -15.22
N GLU A 111 -14.99 7.66 -15.32
CA GLU A 111 -15.91 7.38 -14.22
C GLU A 111 -15.93 5.90 -13.87
N THR A 112 -16.08 5.03 -14.88
CA THR A 112 -16.03 3.58 -14.64
C THR A 112 -14.70 3.16 -14.03
N ALA A 113 -13.59 3.72 -14.53
CA ALA A 113 -12.28 3.37 -14.00
C ALA A 113 -12.16 3.78 -12.54
N LEU A 114 -12.55 5.01 -12.20
CA LEU A 114 -12.48 5.46 -10.82
C LEU A 114 -13.29 4.54 -9.90
N GLU A 115 -14.38 3.95 -10.41
CA GLU A 115 -15.20 3.04 -9.61
C GLU A 115 -14.49 1.71 -9.33
N VAL A 116 -13.82 1.12 -10.34
CA VAL A 116 -13.08 -0.11 -10.07
C VAL A 116 -11.80 0.19 -9.29
N VAL A 117 -11.25 1.40 -9.40
CA VAL A 117 -10.14 1.81 -8.53
C VAL A 117 -10.55 1.69 -7.07
N ARG A 118 -11.77 2.13 -6.73
CA ARG A 118 -12.28 2.00 -5.36
C ARG A 118 -12.27 0.56 -4.88
N ARG A 119 -12.70 -0.36 -5.75
CA ARG A 119 -12.84 -1.77 -5.40
C ARG A 119 -11.51 -2.39 -4.97
N LEU A 120 -10.39 -1.82 -5.41
CA LEU A 120 -9.06 -2.37 -5.16
C LEU A 120 -8.24 -1.56 -4.17
N VAL A 121 -8.45 -0.24 -4.10
CA VAL A 121 -7.74 0.59 -3.13
C VAL A 121 -8.42 0.58 -1.78
N SER A 122 -9.64 0.08 -1.70
CA SER A 122 -10.36 0.11 -0.45
C SER A 122 -9.55 -0.63 0.62
N PRO A 123 -9.58 -0.17 1.86
CA PRO A 123 -9.19 -1.04 2.97
C PRO A 123 -10.05 -2.29 2.94
N LEU A 124 -9.63 -3.31 3.69
CA LEU A 124 -10.27 -4.62 3.73
C LEU A 124 -10.06 -5.41 2.44
N ALA A 125 -9.40 -4.83 1.44
CA ALA A 125 -9.08 -5.53 0.19
C ALA A 125 -7.91 -6.46 0.47
N GLY A 126 -8.22 -7.72 0.79
CA GLY A 126 -7.21 -8.70 1.11
C GLY A 126 -7.57 -9.55 2.31
N VAL A 127 -8.72 -9.27 2.93
CA VAL A 127 -9.14 -9.89 4.18
C VAL A 127 -9.85 -11.22 3.91
N LYS A 128 -9.23 -12.04 3.06
CA LYS A 128 -9.42 -13.49 3.02
C LYS A 128 -8.25 -14.06 2.23
N GLY A 129 -7.11 -13.39 2.30
CA GLY A 129 -5.90 -13.83 1.66
C GLY A 129 -5.49 -12.92 0.50
N THR A 130 -4.18 -12.90 0.22
CA THR A 130 -3.72 -12.24 -0.99
C THR A 130 -4.29 -12.89 -2.24
N GLN A 131 -4.82 -14.11 -2.12
CA GLN A 131 -5.52 -14.77 -3.21
C GLN A 131 -6.77 -14.00 -3.61
N ALA A 132 -7.50 -13.47 -2.63
CA ALA A 132 -8.66 -12.66 -2.97
C ALA A 132 -8.23 -11.31 -3.56
N LEU A 133 -7.03 -10.86 -3.20
CA LEU A 133 -6.49 -9.63 -3.77
C LEU A 133 -6.19 -9.82 -5.26
N LEU A 134 -5.52 -10.93 -5.61
CA LEU A 134 -5.21 -11.22 -7.01
C LEU A 134 -6.48 -11.45 -7.81
N GLN A 135 -7.46 -12.13 -7.22
CA GLN A 135 -8.70 -12.40 -7.93
C GLN A 135 -9.45 -11.11 -8.25
N THR A 136 -9.43 -10.15 -7.33
CA THR A 136 -10.09 -8.87 -7.54
C THR A 136 -9.35 -8.06 -8.60
N ALA A 137 -8.02 -8.08 -8.59
CA ALA A 137 -7.26 -7.42 -9.64
C ALA A 137 -7.66 -7.97 -11.01
N ALA A 138 -7.70 -9.30 -11.13
CA ALA A 138 -8.11 -9.91 -12.39
C ALA A 138 -9.55 -9.55 -12.77
N ASP A 139 -10.49 -9.60 -11.81
CA ASP A 139 -11.89 -9.26 -12.11
C ASP A 139 -12.03 -7.82 -12.58
N THR A 140 -11.31 -6.87 -11.97
CA THR A 140 -11.49 -5.47 -12.35
C THR A 140 -10.78 -5.13 -13.64
N VAL A 141 -9.66 -5.80 -13.93
CA VAL A 141 -9.05 -5.59 -15.24
C VAL A 141 -9.98 -6.13 -16.33
N ARG A 142 -10.66 -7.25 -16.06
CA ARG A 142 -11.57 -7.80 -17.06
C ARG A 142 -12.78 -6.88 -17.26
N ALA A 143 -13.28 -6.27 -16.18
CA ALA A 143 -14.43 -5.37 -16.29
C ALA A 143 -14.10 -4.14 -17.10
N LEU A 144 -12.92 -3.56 -16.87
CA LEU A 144 -12.53 -2.33 -17.56
C LEU A 144 -12.17 -2.59 -19.02
N THR A 145 -11.65 -3.78 -19.35
CA THR A 145 -11.13 -4.06 -20.69
C THR A 145 -12.11 -4.79 -21.60
N GLY A 146 -13.03 -5.61 -21.04
CA GLY A 146 -13.89 -6.41 -21.89
C GLY A 146 -13.24 -7.65 -22.46
N PHE A 147 -12.03 -8.01 -22.02
CA PHE A 147 -11.31 -9.15 -22.57
C PHE A 147 -11.88 -10.46 -22.04
N ASP A 148 -11.91 -11.47 -22.91
CA ASP A 148 -12.49 -12.77 -22.59
C ASP A 148 -11.81 -13.41 -21.39
N ARG A 149 -10.51 -13.21 -21.22
CA ARG A 149 -9.76 -13.95 -20.21
C ARG A 149 -8.63 -13.09 -19.66
N VAL A 150 -8.55 -13.00 -18.33
CA VAL A 150 -7.57 -12.17 -17.66
C VAL A 150 -6.88 -13.03 -16.61
N MET A 151 -5.55 -13.09 -16.65
CA MET A 151 -4.78 -14.00 -15.81
C MET A 151 -3.70 -13.21 -15.07
N VAL A 152 -3.45 -13.59 -13.82
CA VAL A 152 -2.35 -13.04 -13.06
C VAL A 152 -1.21 -14.07 -13.06
N TYR A 153 -0.07 -13.66 -13.58
CA TYR A 153 1.03 -14.57 -13.87
C TYR A 153 2.22 -14.15 -13.03
N ARG A 154 2.67 -15.03 -12.14
CA ARG A 154 3.80 -14.72 -11.27
C ARG A 154 5.06 -15.43 -11.73
N PHE A 155 6.17 -14.70 -11.73
CA PHE A 155 7.45 -15.31 -12.04
C PHE A 155 7.99 -16.01 -10.81
N ASP A 156 8.41 -17.27 -10.98
CA ASP A 156 9.24 -17.95 -10.01
C ASP A 156 10.69 -17.48 -10.16
N ALA A 157 11.57 -18.01 -9.29
CA ALA A 157 12.94 -17.49 -9.22
C ALA A 157 13.80 -17.94 -10.40
N ASP A 158 13.45 -19.02 -11.09
CA ASP A 158 14.14 -19.36 -12.33
C ASP A 158 13.50 -18.70 -13.55
N TRP A 159 12.56 -17.77 -13.35
CA TRP A 159 11.85 -17.03 -14.40
C TRP A 159 10.88 -17.88 -15.21
N HIS A 160 10.65 -19.13 -14.86
CA HIS A 160 9.39 -19.70 -15.29
C HIS A 160 8.28 -19.13 -14.41
N GLY A 161 7.02 -19.24 -14.87
CA GLY A 161 5.92 -18.61 -14.18
C GLY A 161 4.74 -19.53 -13.99
N GLU A 162 3.74 -19.02 -13.26
CA GLU A 162 2.51 -19.78 -13.04
C GLU A 162 1.34 -18.82 -12.92
N VAL A 163 0.16 -19.30 -13.32
CA VAL A 163 -1.06 -18.51 -13.23
C VAL A 163 -1.63 -18.68 -11.83
N LEU A 164 -1.62 -17.60 -11.05
CA LEU A 164 -2.12 -17.61 -9.67
C LEU A 164 -3.62 -17.31 -9.57
N ALA A 165 -4.15 -16.57 -10.54
CA ALA A 165 -5.55 -16.15 -10.49
C ALA A 165 -6.01 -15.90 -11.91
N GLU A 166 -7.33 -15.97 -12.09
CA GLU A 166 -7.88 -15.92 -13.44
C GLU A 166 -9.34 -15.51 -13.37
N SER A 167 -9.72 -14.58 -14.23
CA SER A 167 -11.10 -14.16 -14.42
C SER A 167 -11.40 -14.27 -15.91
N LYS A 168 -12.37 -15.12 -16.25
CA LYS A 168 -12.69 -15.41 -17.65
C LYS A 168 -14.19 -15.57 -17.76
N ARG A 169 -14.70 -15.42 -18.97
CA ARG A 169 -16.14 -15.57 -19.11
C ARG A 169 -16.50 -17.05 -19.09
N GLY A 170 -17.73 -17.34 -18.62
CA GLY A 170 -18.22 -18.70 -18.51
C GLY A 170 -18.03 -19.50 -19.78
N GLY A 171 -17.68 -20.78 -19.65
CA GLY A 171 -17.59 -21.63 -20.81
C GLY A 171 -16.38 -21.36 -21.68
N MET A 172 -15.23 -21.12 -21.06
CA MET A 172 -14.02 -20.74 -21.77
C MET A 172 -12.84 -21.44 -21.12
N ASP A 173 -11.90 -21.89 -21.96
CA ASP A 173 -10.65 -22.45 -21.47
C ASP A 173 -9.95 -21.49 -20.51
N GLY A 174 -9.28 -22.07 -19.51
CA GLY A 174 -8.45 -21.32 -18.60
C GLY A 174 -7.08 -21.99 -18.45
N PHE A 175 -6.23 -21.36 -17.65
CA PHE A 175 -4.89 -21.86 -17.38
C PHE A 175 -4.55 -21.81 -15.91
N LEU A 176 -5.55 -21.62 -15.05
CA LEU A 176 -5.33 -21.41 -13.63
C LEU A 176 -4.48 -22.52 -13.03
N GLY A 177 -3.42 -22.13 -12.34
CA GLY A 177 -2.58 -23.11 -11.68
C GLY A 177 -1.54 -23.78 -12.57
N MET A 178 -1.53 -23.50 -13.86
CA MET A 178 -0.52 -24.10 -14.72
C MET A 178 0.77 -23.30 -14.73
N HIS A 179 1.86 -24.01 -14.99
CA HIS A 179 3.21 -23.48 -15.08
C HIS A 179 3.65 -23.38 -16.53
N PHE A 180 4.48 -22.38 -16.82
CA PHE A 180 4.93 -22.12 -18.17
C PHE A 180 6.44 -21.92 -18.18
N PRO A 181 7.15 -22.43 -19.20
CA PRO A 181 8.61 -22.27 -19.23
C PRO A 181 9.07 -20.82 -19.28
N ALA A 182 10.27 -20.59 -18.73
CA ALA A 182 10.93 -19.29 -18.84
C ALA A 182 11.06 -18.82 -20.29
N THR A 183 11.28 -19.74 -21.22
CA THR A 183 11.49 -19.34 -22.61
C THR A 183 10.22 -18.79 -23.26
N ASP A 184 9.04 -19.02 -22.66
CA ASP A 184 7.82 -18.41 -23.20
C ASP A 184 7.94 -16.89 -23.20
N ILE A 185 8.77 -16.32 -22.34
CA ILE A 185 9.01 -14.89 -22.25
C ILE A 185 10.52 -14.70 -22.10
N PRO A 186 11.27 -14.59 -23.20
CA PRO A 186 12.73 -14.63 -23.10
C PRO A 186 13.28 -13.33 -22.52
N VAL A 187 14.59 -13.34 -22.29
CA VAL A 187 15.21 -12.38 -21.39
C VAL A 187 15.18 -10.96 -21.96
N GLN A 188 15.30 -10.79 -23.28
CA GLN A 188 15.22 -9.43 -23.80
C GLN A 188 13.79 -8.89 -23.70
N ALA A 189 12.77 -9.75 -23.75
CA ALA A 189 11.41 -9.28 -23.56
C ALA A 189 11.18 -8.85 -22.12
N ARG A 190 11.65 -9.66 -21.15
CA ARG A 190 11.54 -9.28 -19.74
C ARG A 190 12.24 -7.95 -19.49
N ALA A 191 13.43 -7.76 -20.07
CA ALA A 191 14.13 -6.48 -20.01
C ALA A 191 13.23 -5.33 -20.47
N LEU A 192 12.71 -5.45 -21.70
CA LEU A 192 11.84 -4.41 -22.25
C LEU A 192 10.60 -4.19 -21.39
N TYR A 193 10.01 -5.27 -20.89
CA TYR A 193 8.78 -5.16 -20.11
C TYR A 193 9.02 -4.58 -18.72
N THR A 194 10.27 -4.46 -18.30
CA THR A 194 10.61 -3.76 -17.06
C THR A 194 10.58 -2.25 -17.23
N ARG A 195 10.96 -1.74 -18.41
CA ARG A 195 10.89 -0.31 -18.60
C ARG A 195 9.67 0.15 -19.38
N ASN A 196 9.05 -0.72 -20.17
CA ASN A 196 7.80 -0.36 -20.87
C ASN A 196 6.70 -1.29 -20.37
N PRO A 197 5.86 -0.83 -19.44
CA PRO A 197 5.03 -1.74 -18.65
C PRO A 197 3.73 -2.21 -19.31
N LEU A 198 3.41 -1.83 -20.55
CA LEU A 198 2.12 -2.18 -21.16
C LEU A 198 2.35 -2.54 -22.62
N ARG A 199 1.54 -3.45 -23.15
CA ARG A 199 1.64 -3.76 -24.57
C ARG A 199 0.33 -4.36 -25.07
N LEU A 200 -0.13 -3.87 -26.22
CA LEU A 200 -1.36 -4.36 -26.84
C LEU A 200 -1.05 -5.01 -28.18
N ILE A 201 -1.56 -6.20 -28.39
CA ILE A 201 -1.57 -6.84 -29.69
C ILE A 201 -3.04 -6.88 -30.08
N ALA A 202 -3.45 -5.97 -30.95
CA ALA A 202 -4.88 -5.79 -31.22
C ALA A 202 -5.42 -6.88 -32.13
N ASP A 203 -4.61 -7.46 -33.02
CA ASP A 203 -5.06 -8.53 -33.90
C ASP A 203 -3.88 -9.46 -34.16
N ALA A 204 -3.87 -10.62 -33.51
CA ALA A 204 -2.77 -11.57 -33.64
C ALA A 204 -2.65 -12.16 -35.03
N ARG A 205 -3.62 -11.96 -35.91
CA ARG A 205 -3.57 -12.51 -37.25
C ARG A 205 -3.16 -11.50 -38.31
N ALA A 206 -2.95 -10.24 -37.95
CA ALA A 206 -2.65 -9.23 -38.94
C ALA A 206 -1.16 -9.19 -39.27
N ARG A 207 -0.88 -8.75 -40.44
CA ARG A 207 0.54 -8.64 -40.78
C ARG A 207 1.07 -7.27 -40.37
N PRO A 208 2.35 -7.15 -39.99
CA PRO A 208 2.87 -5.83 -39.63
C PRO A 208 2.93 -4.91 -40.85
N VAL A 209 2.77 -3.62 -40.58
CA VAL A 209 3.00 -2.53 -41.52
C VAL A 209 4.47 -2.14 -41.44
N PRO A 210 5.24 -2.16 -42.53
CA PRO A 210 6.65 -1.77 -42.45
C PRO A 210 6.82 -0.26 -42.35
N LEU A 211 7.97 0.13 -41.79
CA LEU A 211 8.40 1.53 -41.81
C LEU A 211 9.16 1.81 -43.10
N LEU A 212 9.06 3.06 -43.56
CA LEU A 212 9.78 3.55 -44.73
C LEU A 212 10.64 4.76 -44.36
N PRO A 213 11.96 4.76 -44.69
CA PRO A 213 12.73 3.64 -45.25
C PRO A 213 12.89 2.56 -44.19
N PRO A 214 13.36 1.35 -44.51
CA PRO A 214 13.41 0.29 -43.50
C PRO A 214 14.55 0.45 -42.52
N VAL A 215 15.42 1.44 -42.71
CA VAL A 215 16.44 1.80 -41.73
C VAL A 215 16.37 3.32 -41.54
N VAL A 216 16.82 3.77 -40.37
CA VAL A 216 17.13 5.20 -40.17
C VAL A 216 18.42 5.46 -40.91
N PRO A 217 18.43 6.40 -41.86
CA PRO A 217 19.61 6.57 -42.72
C PRO A 217 20.90 6.85 -41.97
N ALA A 218 20.85 7.68 -40.93
CA ALA A 218 22.07 8.00 -40.20
C ALA A 218 22.65 6.79 -39.50
N LEU A 219 21.81 5.80 -39.16
CA LEU A 219 22.17 4.69 -38.30
C LEU A 219 22.35 3.36 -39.03
N GLY A 220 21.69 3.17 -40.17
CA GLY A 220 21.75 1.89 -40.85
C GLY A 220 21.11 0.73 -40.13
N ARG A 221 20.16 1.00 -39.24
CA ARG A 221 19.33 -0.04 -38.65
C ARG A 221 17.95 0.56 -38.45
N PRO A 222 16.94 -0.28 -38.20
CA PRO A 222 15.58 0.25 -38.04
C PRO A 222 15.46 1.19 -36.86
N LEU A 223 14.43 2.05 -36.94
CA LEU A 223 14.00 2.88 -35.82
C LEU A 223 13.77 2.06 -34.56
N ASP A 224 14.35 2.51 -33.44
CA ASP A 224 14.16 1.84 -32.15
C ASP A 224 12.73 2.07 -31.65
N LEU A 225 11.92 1.01 -31.67
CA LEU A 225 10.51 1.06 -31.27
C LEU A 225 10.27 0.64 -29.82
N SER A 226 11.30 0.65 -28.97
CA SER A 226 11.14 0.27 -27.56
C SER A 226 9.95 0.95 -26.89
N ASN A 227 9.75 2.24 -27.14
CA ASN A 227 8.69 2.98 -26.47
C ASN A 227 7.49 3.25 -27.38
N SER A 228 7.41 2.58 -28.50
CA SER A 228 6.28 2.75 -29.41
C SER A 228 5.06 1.98 -28.88
N ALA A 229 3.92 2.68 -28.76
CA ALA A 229 2.68 1.96 -28.46
C ALA A 229 2.23 1.07 -29.60
N LEU A 230 2.66 1.33 -30.83
CA LEU A 230 2.16 0.62 -32.00
C LEU A 230 3.03 -0.55 -32.43
N ARG A 231 4.17 -0.74 -31.78
CA ARG A 231 5.17 -1.73 -32.20
C ARG A 231 4.53 -3.09 -32.43
N SER A 232 4.79 -3.65 -33.60
CA SER A 232 4.45 -5.04 -33.90
C SER A 232 5.44 -5.95 -33.20
N VAL A 233 4.95 -7.04 -32.62
CA VAL A 233 5.74 -7.90 -31.74
C VAL A 233 6.35 -9.06 -32.53
N SER A 234 7.15 -9.86 -31.86
CA SER A 234 7.91 -10.93 -32.49
C SER A 234 6.98 -11.84 -33.29
N PRO A 235 7.36 -12.22 -34.52
CA PRO A 235 6.56 -13.22 -35.27
C PRO A 235 6.38 -14.53 -34.51
N VAL A 236 7.38 -14.93 -33.72
CA VAL A 236 7.27 -16.20 -32.99
C VAL A 236 6.19 -16.11 -31.93
N HIS A 237 6.06 -14.95 -31.29
CA HIS A 237 5.00 -14.79 -30.31
C HIS A 237 3.63 -14.77 -30.97
N LEU A 238 3.52 -14.14 -32.14
CA LEU A 238 2.24 -14.15 -32.85
C LEU A 238 1.81 -15.58 -33.17
N GLU A 239 2.76 -16.42 -33.59
CA GLU A 239 2.51 -17.85 -33.78
C GLU A 239 2.05 -18.51 -32.50
N TYR A 240 2.67 -18.16 -31.39
CA TYR A 240 2.31 -18.73 -30.10
C TYR A 240 0.87 -18.42 -29.75
N LEU A 241 0.46 -17.17 -29.96
CA LEU A 241 -0.92 -16.77 -29.66
C LEU A 241 -1.91 -17.54 -30.52
N ARG A 242 -1.64 -17.63 -31.82
CA ARG A 242 -2.50 -18.41 -32.70
C ARG A 242 -2.59 -19.86 -32.25
N ASN A 243 -1.46 -20.44 -31.80
CA ASN A 243 -1.51 -21.82 -31.32
C ASN A 243 -2.34 -21.92 -30.05
N MET A 244 -2.38 -20.87 -29.24
CA MET A 244 -3.30 -20.84 -28.11
C MET A 244 -4.73 -20.57 -28.53
N GLY A 245 -4.96 -20.15 -29.77
CA GLY A 245 -6.29 -19.77 -30.20
C GLY A 245 -6.76 -18.39 -29.78
N VAL A 246 -5.84 -17.43 -29.59
CA VAL A 246 -6.22 -16.09 -29.14
C VAL A 246 -6.03 -15.09 -30.28
N GLY A 247 -7.00 -14.18 -30.42
CA GLY A 247 -6.97 -13.20 -31.48
C GLY A 247 -6.48 -11.82 -31.09
N ALA A 248 -6.44 -11.55 -29.78
CA ALA A 248 -5.95 -10.29 -29.27
C ALA A 248 -5.32 -10.54 -27.90
N SER A 249 -4.32 -9.73 -27.58
CA SER A 249 -3.60 -9.93 -26.32
C SER A 249 -3.19 -8.58 -25.78
N PHE A 250 -3.31 -8.41 -24.47
CA PHE A 250 -2.92 -7.19 -23.79
C PHE A 250 -2.34 -7.60 -22.45
N SER A 251 -1.11 -7.17 -22.14
CA SER A 251 -0.50 -7.51 -20.87
C SER A 251 0.13 -6.30 -20.23
N LEU A 252 0.25 -6.37 -18.90
CA LEU A 252 0.74 -5.28 -18.06
C LEU A 252 1.76 -5.86 -17.09
N SER A 253 2.88 -5.17 -16.95
CA SER A 253 3.94 -5.60 -16.07
C SER A 253 3.55 -5.30 -14.63
N LEU A 254 3.79 -6.26 -13.75
CA LEU A 254 3.61 -6.07 -12.33
C LEU A 254 4.99 -5.84 -11.75
N LEU A 255 5.28 -4.59 -11.40
CA LEU A 255 6.54 -4.19 -10.82
C LEU A 255 6.34 -3.99 -9.33
N LYS A 256 7.17 -4.65 -8.52
CA LYS A 256 7.03 -4.62 -7.07
C LYS A 256 8.43 -4.38 -6.50
N GLU A 257 8.69 -3.13 -6.10
CA GLU A 257 9.99 -2.71 -5.54
C GLU A 257 11.12 -2.85 -6.55
N GLY A 258 10.86 -2.51 -7.82
CA GLY A 258 11.89 -2.45 -8.83
C GLY A 258 11.97 -3.65 -9.76
N VAL A 259 11.60 -4.86 -9.29
CA VAL A 259 11.75 -6.05 -10.13
C VAL A 259 10.43 -6.42 -10.77
N LEU A 260 10.54 -7.12 -11.89
CA LEU A 260 9.41 -7.68 -12.61
C LEU A 260 8.90 -8.88 -11.83
N TRP A 261 7.84 -8.67 -11.05
CA TRP A 261 7.24 -9.72 -10.22
C TRP A 261 6.40 -10.68 -11.07
N GLY A 262 5.70 -10.13 -12.05
CA GLY A 262 4.85 -10.95 -12.88
C GLY A 262 4.11 -10.09 -13.88
N LEU A 263 3.04 -10.65 -14.43
CA LEU A 263 2.26 -9.96 -15.44
C LEU A 263 0.79 -10.12 -15.13
N ILE A 264 0.00 -9.16 -15.57
CA ILE A 264 -1.41 -9.37 -15.80
C ILE A 264 -1.59 -9.54 -17.30
N ALA A 265 -2.06 -10.71 -17.71
CA ALA A 265 -2.13 -11.08 -19.11
C ALA A 265 -3.59 -11.27 -19.49
N CYS A 266 -3.97 -10.66 -20.62
CA CYS A 266 -5.35 -10.71 -21.09
C CYS A 266 -5.38 -11.29 -22.49
N HIS A 267 -6.38 -12.14 -22.76
CA HIS A 267 -6.59 -12.74 -24.06
C HIS A 267 -8.01 -12.50 -24.51
N HIS A 268 -8.19 -12.25 -25.80
CA HIS A 268 -9.52 -12.16 -26.40
C HIS A 268 -9.58 -13.12 -27.58
N LEU A 269 -10.73 -13.77 -27.77
CA LEU A 269 -10.89 -14.71 -28.89
C LEU A 269 -10.87 -14.01 -30.24
N GLU A 270 -11.26 -12.74 -30.28
CA GLU A 270 -11.30 -12.02 -31.53
C GLU A 270 -10.37 -10.81 -31.46
N PRO A 271 -10.06 -10.16 -32.59
CA PRO A 271 -9.32 -8.89 -32.51
C PRO A 271 -10.07 -7.93 -31.61
N LEU A 272 -9.32 -7.11 -30.89
CA LEU A 272 -9.92 -6.13 -30.00
C LEU A 272 -8.88 -5.04 -29.73
N HIS A 273 -9.26 -3.79 -29.98
CA HIS A 273 -8.40 -2.66 -29.67
C HIS A 273 -8.93 -1.97 -28.41
N ILE A 274 -8.03 -1.73 -27.45
CA ILE A 274 -8.26 -0.92 -26.24
C ILE A 274 -7.58 0.41 -26.49
N SER A 275 -8.22 1.50 -26.08
CA SER A 275 -7.63 2.81 -26.30
C SER A 275 -6.47 3.06 -25.34
N HIS A 276 -5.62 4.01 -25.72
CA HIS A 276 -4.50 4.40 -24.87
C HIS A 276 -4.93 4.81 -23.48
N GLU A 277 -5.95 5.68 -23.38
CA GLU A 277 -6.39 6.14 -22.07
C GLU A 277 -6.98 5.00 -21.24
N ARG A 278 -7.62 4.02 -21.91
CA ARG A 278 -8.14 2.86 -21.18
C ARG A 278 -7.00 1.95 -20.71
N ARG A 279 -5.93 1.83 -21.50
CA ARG A 279 -4.76 1.10 -21.04
C ARG A 279 -4.11 1.77 -19.84
N ARG A 280 -3.99 3.10 -19.87
CA ARG A 280 -3.42 3.85 -18.75
C ARG A 280 -4.29 3.72 -17.50
N ALA A 281 -5.61 3.64 -17.66
CA ALA A 281 -6.47 3.35 -16.52
C ALA A 281 -6.17 1.96 -15.97
N CYS A 282 -5.94 0.97 -16.85
CA CYS A 282 -5.59 -0.36 -16.37
C CYS A 282 -4.27 -0.37 -15.63
N GLU A 283 -3.34 0.50 -16.01
CA GLU A 283 -2.03 0.54 -15.36
C GLU A 283 -2.12 1.11 -13.96
N VAL A 284 -3.04 2.04 -13.71
CA VAL A 284 -3.37 2.45 -12.34
C VAL A 284 -3.76 1.24 -11.50
N LEU A 285 -4.55 0.32 -12.07
CA LEU A 285 -4.97 -0.84 -11.30
C LEU A 285 -3.79 -1.71 -10.89
N THR A 286 -2.85 -1.96 -11.82
CA THR A 286 -1.73 -2.84 -11.52
C THR A 286 -0.80 -2.21 -10.49
N GLN A 287 -0.61 -0.89 -10.56
CA GLN A 287 0.22 -0.23 -9.55
C GLN A 287 -0.46 -0.25 -8.19
N LEU A 288 -1.80 -0.23 -8.16
CA LEU A 288 -2.50 -0.42 -6.89
C LEU A 288 -2.27 -1.83 -6.37
N LEU A 289 -2.35 -2.83 -7.26
CA LEU A 289 -2.15 -4.21 -6.83
C LEU A 289 -0.78 -4.40 -6.21
N ALA A 290 0.28 -4.01 -6.94
CA ALA A 290 1.65 -4.04 -6.42
C ALA A 290 1.72 -3.43 -5.03
N LEU A 291 1.04 -2.30 -4.81
CA LEU A 291 1.06 -1.63 -3.53
C LEU A 291 0.36 -2.46 -2.45
N GLN A 292 -0.83 -2.99 -2.76
CA GLN A 292 -1.56 -3.83 -1.81
C GLN A 292 -0.79 -5.09 -1.45
N LEU A 293 -0.08 -5.69 -2.43
CA LEU A 293 0.68 -6.91 -2.16
C LEU A 293 1.87 -6.64 -1.25
N SER A 294 2.52 -5.49 -1.42
CA SER A 294 3.66 -5.16 -0.57
C SER A 294 3.22 -4.95 0.88
N ALA A 295 2.14 -4.21 1.07
CA ALA A 295 1.68 -3.94 2.43
C ALA A 295 1.19 -5.22 3.12
N GLU A 296 0.44 -6.05 2.40
CA GLU A 296 0.01 -7.34 2.95
C GLU A 296 1.20 -8.22 3.27
N GLU A 297 2.17 -8.28 2.36
CA GLU A 297 3.31 -9.18 2.55
C GLU A 297 4.19 -8.73 3.71
N ARG A 298 4.44 -7.43 3.82
CA ARG A 298 5.22 -6.96 4.96
C ARG A 298 4.48 -7.19 6.28
N ALA A 299 3.15 -7.04 6.29
CA ALA A 299 2.39 -7.38 7.50
C ALA A 299 2.55 -8.86 7.86
N ALA A 300 2.57 -9.74 6.86
CA ALA A 300 2.68 -11.18 7.13
C ALA A 300 4.05 -11.52 7.70
N GLU A 301 5.11 -10.91 7.17
CA GLU A 301 6.45 -11.16 7.70
C GLU A 301 6.58 -10.68 9.14
N ALA A 302 6.00 -9.51 9.45
CA ALA A 302 6.02 -8.99 10.82
C ALA A 302 5.30 -9.94 11.80
N SER A 303 4.12 -10.42 11.41
CA SER A 303 3.41 -11.39 12.25
C SER A 303 4.23 -12.66 12.45
N GLU A 304 4.84 -13.16 11.37
CA GLU A 304 5.70 -14.34 11.49
C GLU A 304 6.87 -14.07 12.43
N ASP A 305 7.50 -12.91 12.27
CA ASP A 305 8.64 -12.55 13.13
C ASP A 305 8.19 -12.50 14.59
N ALA A 306 7.05 -11.85 14.85
CA ALA A 306 6.50 -11.79 16.21
C ALA A 306 6.30 -13.19 16.79
N HIS A 307 5.81 -14.13 15.98
N HIS A 307 5.84 -14.14 15.98
CA HIS A 307 5.62 -15.49 16.46
CA HIS A 307 5.63 -15.49 16.50
C HIS A 307 6.95 -16.14 16.83
C HIS A 307 6.96 -16.17 16.82
N ARG A 308 7.99 -15.93 16.00
CA ARG A 308 9.29 -16.51 16.32
C ARG A 308 9.88 -15.88 17.57
N ALA A 309 9.71 -14.58 17.74
CA ALA A 309 10.26 -13.89 18.91
C ALA A 309 9.57 -14.34 20.19
N ALA A 310 8.26 -14.59 20.13
CA ALA A 310 7.56 -15.13 21.28
C ALA A 310 8.12 -16.50 21.66
N LEU A 311 8.36 -17.35 20.67
CA LEU A 311 9.02 -18.64 20.93
C LEU A 311 10.39 -18.45 21.58
N LEU A 312 11.21 -17.53 21.04
CA LEU A 312 12.53 -17.29 21.63
C LEU A 312 12.43 -16.78 23.05
N GLY A 313 11.50 -15.85 23.31
CA GLY A 313 11.31 -15.34 24.66
C GLY A 313 10.93 -16.44 25.64
N GLN A 314 10.13 -17.41 25.19
CA GLN A 314 9.77 -18.52 26.07
C GLN A 314 10.97 -19.43 26.32
N LEU A 315 11.80 -19.66 25.29
CA LEU A 315 13.04 -20.41 25.49
C LEU A 315 13.97 -19.69 26.46
N ALA A 316 14.04 -18.36 26.37
CA ALA A 316 14.88 -17.59 27.28
C ALA A 316 14.38 -17.71 28.72
N THR A 317 13.06 -17.64 28.89
CA THR A 317 12.46 -17.83 30.20
C THR A 317 12.72 -19.23 30.75
N ALA A 318 12.72 -20.25 29.89
CA ALA A 318 12.96 -21.62 30.37
C ALA A 318 14.43 -21.81 30.72
N MET A 319 15.33 -21.18 29.97
CA MET A 319 16.67 -20.99 30.48
C MET A 319 16.65 -20.00 31.64
N GLY A 320 17.78 -19.90 32.34
CA GLY A 320 17.81 -19.03 33.50
C GLY A 320 16.81 -19.55 34.52
N GLU A 321 16.39 -20.80 34.29
CA GLU A 321 15.55 -21.52 35.22
C GLU A 321 16.31 -22.74 35.72
N GLY A 322 15.66 -23.90 35.74
CA GLY A 322 16.25 -25.06 36.36
C GLY A 322 17.17 -25.83 35.45
N GLY A 323 18.07 -26.58 36.09
CA GLY A 323 18.91 -27.59 35.49
C GLY A 323 19.87 -27.13 34.41
N THR A 324 20.31 -28.10 33.62
CA THR A 324 21.34 -27.91 32.61
C THR A 324 20.70 -27.45 31.31
N LEU A 325 21.56 -27.23 30.30
CA LEU A 325 21.07 -26.86 28.97
C LEU A 325 20.36 -28.04 28.31
N GLU A 326 20.95 -29.23 28.39
CA GLU A 326 20.35 -30.39 27.74
C GLU A 326 19.01 -30.74 28.36
N GLU A 327 18.80 -30.39 29.62
CA GLU A 327 17.52 -30.64 30.27
C GLU A 327 16.44 -29.69 29.77
N VAL A 328 16.74 -28.39 29.72
CA VAL A 328 15.71 -27.46 29.26
C VAL A 328 15.45 -27.66 27.77
N LEU A 329 16.51 -27.96 27.01
CA LEU A 329 16.34 -28.30 25.60
C LEU A 329 15.55 -29.59 25.43
N GLU A 330 15.65 -30.53 26.37
CA GLU A 330 14.76 -31.69 26.34
C GLU A 330 13.31 -31.26 26.51
N LYS A 331 13.01 -30.51 27.56
CA LYS A 331 11.62 -30.10 27.79
C LYS A 331 11.09 -29.23 26.64
N GLU A 332 11.90 -28.30 26.13
CA GLU A 332 11.45 -27.33 25.13
C GLU A 332 11.63 -27.82 23.69
N SER A 333 11.61 -29.14 23.48
CA SER A 333 11.84 -29.72 22.16
C SER A 333 10.92 -29.12 21.09
N GLU A 334 9.63 -29.11 21.36
CA GLU A 334 8.69 -28.63 20.35
C GLU A 334 8.87 -27.15 20.05
N ARG A 335 9.27 -26.34 21.04
CA ARG A 335 9.55 -24.94 20.71
C ARG A 335 10.80 -24.84 19.84
N VAL A 336 11.83 -25.61 20.18
CA VAL A 336 13.09 -25.55 19.43
C VAL A 336 12.89 -25.95 17.97
N LEU A 337 12.00 -26.92 17.72
CA LEU A 337 11.68 -27.32 16.35
C LEU A 337 10.77 -26.31 15.66
N ALA A 338 9.79 -25.77 16.40
CA ALA A 338 8.90 -24.76 15.84
C ALA A 338 9.62 -23.50 15.41
N LEU A 339 10.78 -23.21 16.03
CA LEU A 339 11.53 -22.01 15.70
C LEU A 339 11.75 -21.87 14.21
N THR A 340 12.02 -22.99 13.54
CA THR A 340 12.36 -22.97 12.11
C THR A 340 11.41 -23.84 11.28
N GLY A 341 10.26 -24.21 11.82
CA GLY A 341 9.35 -25.11 11.11
C GLY A 341 9.96 -26.45 10.75
N ALA A 342 10.69 -27.07 11.68
CA ALA A 342 11.53 -28.24 11.45
C ALA A 342 10.92 -29.49 12.08
N ALA A 343 11.36 -30.67 11.61
CA ALA A 343 10.88 -31.93 12.17
C ALA A 343 11.89 -32.57 13.12
N GLY A 344 13.12 -32.07 13.16
CA GLY A 344 14.13 -32.57 14.07
C GLY A 344 15.26 -31.56 14.16
N VAL A 345 16.11 -31.77 15.15
CA VAL A 345 17.23 -30.88 15.38
C VAL A 345 18.37 -31.69 15.99
N ALA A 346 19.58 -31.43 15.51
CA ALA A 346 20.79 -31.99 16.07
C ALA A 346 21.55 -30.87 16.77
N LEU A 347 21.81 -31.06 18.06
CA LEU A 347 22.55 -30.10 18.88
C LEU A 347 23.92 -30.68 19.17
N LEU A 348 24.96 -29.99 18.69
CA LEU A 348 26.35 -30.38 18.89
C LEU A 348 26.96 -29.37 19.85
N LEU A 349 26.88 -29.69 21.15
CA LEU A 349 27.34 -28.80 22.20
C LEU A 349 28.70 -29.20 22.75
N GLY A 350 29.36 -30.18 22.14
CA GLY A 350 30.66 -30.63 22.61
C GLY A 350 30.79 -32.13 22.74
N GLU A 351 29.84 -32.76 23.43
CA GLU A 351 29.88 -34.21 23.61
C GLU A 351 29.45 -34.94 22.35
N GLU A 352 28.62 -35.95 22.51
CA GLU A 352 27.95 -36.57 21.40
C GLU A 352 26.80 -35.67 20.95
N PRO A 353 26.36 -35.81 19.70
CA PRO A 353 25.20 -35.04 19.24
C PRO A 353 23.98 -35.30 20.13
N LEU A 354 23.20 -34.24 20.36
CA LEU A 354 21.89 -34.34 21.00
C LEU A 354 20.86 -34.32 19.88
N LEU A 355 20.15 -35.44 19.73
CA LEU A 355 19.22 -35.64 18.63
C LEU A 355 17.81 -35.55 19.18
N VAL A 356 17.09 -34.54 18.70
CA VAL A 356 15.75 -34.21 19.18
C VAL A 356 14.81 -34.31 17.99
N GLY A 357 13.67 -34.99 18.20
CA GLY A 357 12.68 -35.17 17.16
C GLY A 357 13.21 -36.09 16.07
N CYS A 358 12.78 -35.82 14.84
CA CYS A 358 13.02 -36.70 13.71
C CYS A 358 14.32 -36.34 13.01
N THR A 359 15.32 -37.22 13.12
CA THR A 359 16.67 -36.93 12.66
C THR A 359 17.27 -38.21 12.07
N PRO A 360 18.28 -38.06 11.21
CA PRO A 360 19.04 -39.26 10.79
C PRO A 360 19.85 -39.79 11.97
N ALA A 361 20.35 -41.01 11.83
CA ALA A 361 21.01 -41.67 12.95
C ALA A 361 22.28 -40.92 13.33
N GLN A 362 22.82 -41.26 14.51
CA GLN A 362 23.97 -40.54 15.05
C GLN A 362 25.15 -40.57 14.09
N ASP A 363 25.52 -41.75 13.58
CA ASP A 363 26.67 -41.84 12.67
C ASP A 363 26.51 -40.91 11.48
N GLU A 364 25.30 -40.81 10.94
CA GLU A 364 25.08 -39.94 9.78
C GLU A 364 25.18 -38.47 10.16
N VAL A 365 24.72 -38.10 11.36
CA VAL A 365 24.79 -36.71 11.77
C VAL A 365 26.24 -36.29 11.98
N GLU A 366 27.00 -37.09 12.74
CA GLU A 366 28.40 -36.77 12.98
C GLU A 366 29.16 -36.62 11.67
N ALA A 367 28.81 -37.44 10.67
CA ALA A 367 29.42 -37.33 9.35
C ALA A 367 29.02 -36.03 8.68
N LEU A 368 27.73 -35.69 8.74
CA LEU A 368 27.29 -34.41 8.19
C LEU A 368 28.02 -33.25 8.86
N VAL A 369 28.25 -33.35 10.17
CA VAL A 369 28.94 -32.29 10.90
C VAL A 369 30.37 -32.15 10.40
N ALA A 370 31.07 -33.28 10.24
CA ALA A 370 32.43 -33.26 9.71
C ALA A 370 32.51 -32.50 8.41
N TRP A 371 31.49 -32.64 7.55
CA TRP A 371 31.49 -32.03 6.22
C TRP A 371 31.06 -30.57 6.25
N LEU A 372 30.09 -30.22 7.09
CA LEU A 372 29.67 -28.83 7.21
C LEU A 372 30.82 -27.95 7.68
N ALA A 373 31.63 -28.44 8.62
CA ALA A 373 32.76 -27.69 9.14
C ALA A 373 33.71 -27.23 8.04
N THR A 374 33.82 -27.99 6.95
CA THR A 374 34.68 -27.61 5.83
C THR A 374 34.03 -26.62 4.87
N GLN A 375 32.73 -26.40 4.97
CA GLN A 375 32.03 -25.63 3.96
C GLN A 375 32.26 -24.13 4.16
N PRO A 376 32.17 -23.33 3.08
CA PRO A 376 32.54 -21.91 3.15
C PRO A 376 31.40 -20.98 3.56
N PHE A 377 30.79 -21.25 4.71
CA PHE A 377 29.81 -20.34 5.27
C PHE A 377 30.30 -19.83 6.63
N GLN A 378 29.62 -18.79 7.09
CA GLN A 378 30.07 -17.95 8.19
C GLN A 378 29.28 -18.19 9.48
N THR A 379 27.97 -17.93 9.49
CA THR A 379 27.14 -18.23 10.64
C THR A 379 26.01 -19.19 10.34
N SER A 380 25.34 -19.03 9.19
CA SER A 380 24.18 -19.82 8.81
C SER A 380 24.46 -20.57 7.52
N PHE A 381 23.98 -21.80 7.46
CA PHE A 381 23.94 -22.57 6.22
C PHE A 381 22.54 -23.14 6.05
N HIS A 382 22.00 -23.07 4.85
CA HIS A 382 20.70 -23.70 4.62
C HIS A 382 20.60 -24.23 3.19
N THR A 383 19.85 -25.32 3.04
CA THR A 383 19.48 -25.83 1.73
C THR A 383 18.17 -26.60 1.85
N ASP A 384 17.38 -26.55 0.79
CA ASP A 384 16.14 -27.31 0.67
C ASP A 384 16.27 -28.54 -0.24
N ARG A 385 17.47 -28.84 -0.72
CA ARG A 385 17.69 -30.10 -1.42
C ARG A 385 19.10 -30.60 -1.06
N LEU A 386 19.24 -31.08 0.17
CA LEU A 386 20.55 -31.43 0.69
C LEU A 386 21.25 -32.45 -0.20
N GLY A 387 20.50 -33.39 -0.78
CA GLY A 387 21.10 -34.49 -1.52
C GLY A 387 21.91 -34.06 -2.72
N THR A 388 21.55 -32.92 -3.33
CA THR A 388 22.33 -32.42 -4.46
C THR A 388 23.71 -31.94 -4.04
N VAL A 389 23.86 -31.44 -2.81
CA VAL A 389 25.16 -30.96 -2.37
C VAL A 389 25.87 -31.92 -1.41
N TYR A 390 25.15 -32.88 -0.85
CA TYR A 390 25.74 -33.83 0.09
C TYR A 390 25.11 -35.20 -0.14
N PRO A 391 25.66 -35.97 -1.08
CA PRO A 391 25.01 -37.23 -1.50
C PRO A 391 25.05 -38.33 -0.46
N PRO A 392 25.90 -38.30 0.58
CA PRO A 392 25.74 -39.33 1.64
C PRO A 392 24.32 -39.44 2.21
N LEU A 393 23.57 -38.34 2.28
CA LEU A 393 22.20 -38.37 2.78
C LEU A 393 21.16 -38.19 1.67
N ALA A 394 21.56 -38.30 0.41
CA ALA A 394 20.61 -38.14 -0.69
C ALA A 394 19.49 -39.17 -0.64
N ALA A 395 19.72 -40.34 -0.04
CA ALA A 395 18.64 -41.33 0.09
C ALA A 395 17.63 -40.94 1.15
N ARG A 396 18.00 -40.08 2.09
CA ARG A 396 17.21 -39.82 3.30
C ARG A 396 16.32 -38.60 3.13
N ALA A 397 15.68 -38.44 1.98
CA ALA A 397 14.73 -37.34 1.78
C ALA A 397 13.57 -37.40 2.77
N ASP A 398 13.39 -38.52 3.47
CA ASP A 398 12.27 -38.65 4.40
C ASP A 398 12.51 -37.87 5.69
N VAL A 399 13.75 -37.52 6.01
CA VAL A 399 14.05 -36.86 7.27
C VAL A 399 15.02 -35.71 7.06
N ALA A 400 15.60 -35.60 5.86
CA ALA A 400 16.73 -34.70 5.70
C ALA A 400 16.83 -34.19 4.26
N ALA A 401 15.68 -33.89 3.65
CA ALA A 401 15.70 -33.21 2.36
C ALA A 401 16.20 -31.78 2.51
N GLY A 402 15.92 -31.15 3.64
CA GLY A 402 16.39 -29.80 3.90
C GLY A 402 17.03 -29.70 5.27
N ILE A 403 18.04 -28.82 5.35
CA ILE A 403 18.68 -28.53 6.63
C ILE A 403 18.91 -27.03 6.76
N LEU A 404 18.98 -26.60 8.02
CA LEU A 404 19.38 -25.24 8.40
C LEU A 404 20.35 -25.41 9.55
N ALA A 405 21.59 -24.99 9.34
CA ALA A 405 22.63 -25.07 10.35
C ALA A 405 23.11 -23.67 10.73
N VAL A 406 23.24 -23.43 12.03
CA VAL A 406 23.92 -22.24 12.55
C VAL A 406 25.18 -22.69 13.27
N ARG A 407 26.26 -21.93 13.07
CA ARG A 407 27.51 -22.16 13.76
C ARG A 407 27.43 -21.54 15.15
N LEU A 408 27.73 -22.34 16.18
CA LEU A 408 27.60 -21.88 17.56
C LEU A 408 28.93 -21.51 18.20
N ALA A 409 30.03 -21.61 17.48
CA ALA A 409 31.35 -21.27 18.01
C ALA A 409 32.21 -20.81 16.85
N PRO A 410 33.27 -20.02 17.11
CA PRO A 410 34.09 -19.48 16.01
C PRO A 410 34.82 -20.56 15.21
N ALA A 411 36.05 -20.86 15.61
CA ALA A 411 36.88 -21.87 14.94
C ALA A 411 36.74 -23.24 15.57
N ALA A 412 35.51 -23.65 15.90
CA ALA A 412 35.24 -24.97 16.47
C ALA A 412 33.93 -25.49 15.89
N ALA A 413 33.78 -26.81 15.94
CA ALA A 413 32.59 -27.48 15.39
C ALA A 413 31.52 -27.54 16.48
N ARG A 414 30.77 -26.45 16.62
CA ARG A 414 29.61 -26.42 17.49
C ARG A 414 28.44 -25.88 16.66
N PHE A 415 27.39 -26.68 16.50
CA PHE A 415 26.31 -26.36 15.58
C PHE A 415 24.95 -26.67 16.18
N ALA A 416 23.93 -26.02 15.62
CA ALA A 416 22.56 -26.49 15.70
C ALA A 416 22.09 -26.67 14.27
N ILE A 417 21.64 -27.89 13.94
CA ILE A 417 21.18 -28.22 12.59
C ILE A 417 19.73 -28.67 12.70
N TRP A 418 18.83 -27.92 12.08
CA TRP A 418 17.43 -28.32 11.95
C TRP A 418 17.23 -29.07 10.63
N PHE A 419 16.33 -30.06 10.66
CA PHE A 419 16.06 -30.93 9.51
C PHE A 419 14.61 -30.77 9.04
N ARG A 420 14.40 -30.83 7.73
CA ARG A 420 13.05 -31.00 7.19
C ARG A 420 12.96 -32.18 6.24
N PRO A 421 11.82 -32.87 6.22
CA PRO A 421 11.56 -33.88 5.19
C PRO A 421 11.22 -33.24 3.84
N GLU A 422 11.26 -34.07 2.79
CA GLU A 422 10.74 -33.61 1.50
C GLU A 422 9.24 -33.33 1.60
N VAL A 423 8.76 -32.47 0.70
CA VAL A 423 7.34 -32.27 0.45
C VAL A 423 7.14 -32.51 -1.04
N ALA A 424 6.48 -33.60 -1.41
CA ALA A 424 6.28 -33.86 -2.83
C ALA A 424 5.31 -32.82 -3.40
N ARG A 425 5.61 -32.34 -4.60
CA ARG A 425 4.84 -31.29 -5.28
C ARG A 425 4.47 -31.78 -6.68
N THR A 426 3.22 -31.62 -7.03
CA THR A 426 2.71 -31.97 -8.36
C THR A 426 2.61 -30.69 -9.18
N ILE A 427 3.49 -30.55 -10.16
CA ILE A 427 3.45 -29.41 -11.06
C ILE A 427 2.62 -29.80 -12.29
N SER A 428 1.77 -28.88 -12.73
CA SER A 428 1.02 -29.05 -13.97
C SER A 428 1.52 -28.02 -14.97
N TRP A 429 2.22 -28.48 -16.01
CA TRP A 429 2.71 -27.57 -17.05
C TRP A 429 1.72 -27.47 -18.21
N ALA A 430 1.71 -26.30 -18.86
CA ALA A 430 0.91 -26.07 -20.07
C ALA A 430 1.73 -26.51 -21.27
N GLY A 431 1.75 -27.82 -21.49
CA GLY A 431 2.57 -28.48 -22.48
C GLY A 431 3.78 -29.16 -21.86
N ASN A 432 4.42 -30.02 -22.64
CA ASN A 432 5.58 -30.75 -22.19
C ASN A 432 6.78 -29.79 -22.04
N PRO A 433 7.23 -29.50 -20.81
CA PRO A 433 8.35 -28.57 -20.64
C PRO A 433 9.65 -29.08 -21.21
N ARG A 434 9.71 -30.36 -21.58
CA ARG A 434 10.93 -30.91 -22.17
C ARG A 434 11.08 -30.50 -23.64
N LYS A 435 9.97 -30.13 -24.29
CA LYS A 435 9.97 -29.62 -25.67
C LYS A 435 9.32 -28.23 -25.68
N PRO A 436 10.01 -27.21 -25.17
CA PRO A 436 9.37 -25.90 -25.02
C PRO A 436 9.22 -25.13 -26.33
N ALA A 437 9.74 -25.67 -27.43
CA ALA A 437 9.71 -25.00 -28.73
C ALA A 437 9.94 -26.07 -29.78
N GLU A 438 9.60 -25.75 -31.03
CA GLU A 438 9.67 -26.70 -32.13
C GLU A 438 10.56 -26.15 -33.24
N PRO A 439 11.87 -26.41 -33.19
CA PRO A 439 12.75 -25.91 -34.25
C PRO A 439 12.60 -26.72 -35.53
N GLU A 440 12.86 -26.06 -36.65
CA GLU A 440 12.91 -26.78 -37.91
C GLU A 440 14.26 -27.48 -38.05
N PRO A 441 14.36 -28.48 -38.92
CA PRO A 441 15.68 -29.09 -39.18
C PRO A 441 16.70 -28.04 -39.58
N GLY A 442 17.88 -28.10 -38.95
CA GLY A 442 18.91 -27.10 -39.07
C GLY A 442 18.99 -26.15 -37.89
N HIS A 443 17.89 -25.95 -37.16
CA HIS A 443 17.84 -25.14 -35.93
C HIS A 443 18.09 -23.66 -36.23
N GLN A 444 17.58 -23.19 -37.36
CA GLN A 444 17.65 -21.78 -37.71
C GLN A 444 16.31 -21.08 -37.64
N ARG A 445 15.21 -21.81 -37.75
CA ARG A 445 13.88 -21.26 -37.61
C ARG A 445 13.19 -21.96 -36.46
N LEU A 446 12.65 -21.18 -35.53
CA LEU A 446 12.02 -21.70 -34.35
C LEU A 446 10.53 -21.45 -34.44
N HIS A 447 9.78 -22.37 -33.86
CA HIS A 447 8.34 -22.24 -33.76
C HIS A 447 7.95 -22.48 -32.32
N PRO A 448 6.80 -21.98 -31.91
CA PRO A 448 6.30 -22.30 -30.57
C PRO A 448 5.80 -23.74 -30.54
N ARG A 449 5.62 -24.26 -29.33
CA ARG A 449 5.04 -25.59 -29.21
C ARG A 449 3.59 -25.58 -29.68
N GLY A 450 3.11 -26.76 -30.06
CA GLY A 450 1.78 -26.89 -30.63
C GLY A 450 0.67 -27.06 -29.61
N SER A 451 0.96 -27.70 -28.49
CA SER A 451 -0.06 -27.99 -27.50
C SER A 451 0.30 -27.36 -26.16
N PHE A 452 -0.75 -26.98 -25.43
CA PHE A 452 -0.65 -26.45 -24.08
C PHE A 452 -1.43 -27.30 -23.10
N GLN A 453 -1.79 -28.51 -23.51
CA GLN A 453 -2.54 -29.41 -22.64
C GLN A 453 -1.71 -29.79 -21.42
N ALA A 454 -2.40 -30.02 -20.30
CA ALA A 454 -1.74 -30.25 -19.04
C ALA A 454 -0.75 -31.39 -19.14
N TRP A 455 0.39 -31.21 -18.49
CA TRP A 455 1.46 -32.21 -18.50
C TRP A 455 2.04 -32.25 -17.09
N GLU A 456 1.75 -33.32 -16.35
CA GLU A 456 1.98 -33.37 -14.91
C GLU A 456 3.38 -33.83 -14.56
N GLU A 457 3.95 -33.21 -13.52
CA GLU A 457 5.27 -33.55 -13.02
C GLU A 457 5.24 -33.52 -11.50
N THR A 458 5.88 -34.50 -10.87
CA THR A 458 6.01 -34.53 -9.43
C THR A 458 7.45 -34.25 -9.04
N VAL A 459 7.66 -33.30 -8.13
CA VAL A 459 9.00 -32.95 -7.69
C VAL A 459 9.26 -33.58 -6.34
N ARG A 460 10.37 -34.30 -6.23
CA ARG A 460 10.71 -35.06 -5.04
C ARG A 460 12.01 -34.54 -4.47
N ASP A 461 12.31 -34.97 -3.25
CA ASP A 461 13.61 -34.77 -2.62
C ASP A 461 13.89 -33.32 -2.28
N THR A 462 12.88 -32.45 -2.25
CA THR A 462 13.05 -31.07 -1.83
C THR A 462 12.14 -30.75 -0.65
N SER A 463 12.67 -29.98 0.29
CA SER A 463 11.88 -29.52 1.43
C SER A 463 11.10 -28.27 1.07
N LEU A 464 10.20 -27.87 1.98
CA LEU A 464 9.71 -26.49 1.96
C LEU A 464 10.88 -25.53 2.09
N PRO A 465 10.81 -24.37 1.44
CA PRO A 465 11.94 -23.43 1.45
C PRO A 465 12.17 -22.86 2.83
N TRP A 466 13.44 -22.59 3.12
CA TRP A 466 13.80 -21.88 4.34
C TRP A 466 13.50 -20.39 4.15
N LYS A 467 12.58 -19.87 4.96
CA LYS A 467 12.10 -18.51 4.78
C LYS A 467 12.84 -17.54 5.69
N ARG A 468 12.55 -16.26 5.46
CA ARG A 468 13.23 -15.19 6.18
C ARG A 468 13.05 -15.36 7.69
N ALA A 469 11.82 -15.64 8.13
CA ALA A 469 11.56 -15.82 9.55
C ALA A 469 12.32 -17.02 10.11
N ASP A 470 12.42 -18.12 9.34
CA ASP A 470 13.21 -19.25 9.80
C ASP A 470 14.64 -18.82 10.03
N LEU A 471 15.21 -18.10 9.05
CA LEU A 471 16.60 -17.68 9.14
C LEU A 471 16.81 -16.72 10.31
N GLY A 472 15.90 -15.76 10.49
CA GLY A 472 16.02 -14.85 11.62
C GLY A 472 15.95 -15.57 12.96
N ALA A 473 15.03 -16.55 13.09
CA ALA A 473 14.87 -17.30 14.33
C ALA A 473 16.12 -18.10 14.66
N ALA A 474 16.75 -18.70 13.62
CA ALA A 474 17.95 -19.48 13.85
C ALA A 474 19.08 -18.61 14.38
N GLU A 475 19.23 -17.40 13.81
CA GLU A 475 20.20 -16.44 14.35
C GLU A 475 19.87 -16.06 15.79
N GLY A 476 18.59 -15.91 16.13
CA GLY A 476 18.23 -15.56 17.49
C GLY A 476 18.55 -16.68 18.45
N PHE A 477 18.37 -17.92 17.99
CA PHE A 477 18.69 -19.08 18.82
C PHE A 477 20.19 -19.22 19.05
N ARG A 478 20.98 -18.97 18.00
CA ARG A 478 22.43 -18.93 18.13
C ARG A 478 22.87 -17.91 19.18
N GLY A 479 22.32 -16.70 19.14
CA GLY A 479 22.69 -15.70 20.11
C GLY A 479 22.35 -16.10 21.52
N ALA A 480 21.35 -16.96 21.69
CA ALA A 480 20.99 -17.49 23.00
C ALA A 480 21.90 -18.63 23.45
N LEU A 481 22.60 -19.31 22.55
CA LEU A 481 23.44 -20.43 22.96
C LEU A 481 24.90 -20.05 23.22
N VAL A 482 25.33 -18.86 22.82
CA VAL A 482 26.65 -18.31 23.23
C VAL A 482 27.79 -19.29 23.05
N ASP B 1 -12.20 14.69 30.92
CA ASP B 1 -13.50 14.58 31.57
C ASP B 1 -14.63 15.08 30.66
N LEU B 2 -15.69 14.28 30.55
CA LEU B 2 -16.85 14.58 29.73
C LEU B 2 -17.37 15.99 29.99
N SER B 3 -16.80 16.97 29.30
CA SER B 3 -17.22 18.35 29.40
C SER B 3 -18.56 18.55 28.68
N GLN B 4 -18.96 19.81 28.57
CA GLN B 4 -20.09 20.16 27.72
C GLN B 4 -19.81 19.78 26.26
N CYS B 5 -18.53 19.79 25.87
CA CYS B 5 -18.18 19.59 24.46
C CYS B 5 -18.59 18.20 24.00
N ASP B 6 -18.34 17.19 24.83
CA ASP B 6 -18.53 15.80 24.48
C ASP B 6 -20.00 15.35 24.50
N ARG B 7 -20.88 16.10 25.16
CA ARG B 7 -22.26 15.66 25.35
C ARG B 7 -23.22 16.14 24.26
N GLU B 8 -22.83 17.12 23.43
CA GLU B 8 -23.74 17.61 22.39
C GLU B 8 -24.09 16.50 21.39
N PRO B 9 -25.38 16.17 21.20
CA PRO B 9 -25.76 15.07 20.27
C PRO B 9 -25.82 15.54 18.82
N ILE B 10 -24.64 15.57 18.19
CA ILE B 10 -24.46 16.26 16.91
C ILE B 10 -25.24 15.59 15.77
N HIS B 11 -25.68 14.35 15.96
CA HIS B 11 -26.48 13.64 14.98
C HIS B 11 -27.97 13.83 15.17
N LEU B 12 -28.37 14.63 16.17
CA LEU B 12 -29.77 14.83 16.52
C LEU B 12 -30.09 16.30 16.63
N LEU B 13 -29.44 17.14 15.82
CA LEU B 13 -29.67 18.57 15.90
C LEU B 13 -30.82 19.02 14.99
N GLY B 14 -31.29 18.16 14.11
CA GLY B 14 -32.54 18.44 13.42
C GLY B 14 -32.47 19.44 12.29
N GLY B 15 -31.30 19.70 11.74
CA GLY B 15 -31.16 20.69 10.68
C GLY B 15 -30.28 20.20 9.54
N ILE B 16 -30.54 20.74 8.35
CA ILE B 16 -29.73 20.43 7.18
C ILE B 16 -29.26 21.73 6.55
N GLN B 17 -28.27 21.60 5.66
CA GLN B 17 -27.69 22.78 5.03
C GLN B 17 -28.56 23.20 3.85
N SER B 18 -28.50 24.49 3.53
CA SER B 18 -29.53 25.10 2.69
C SER B 18 -29.38 24.78 1.21
N HIS B 19 -28.24 24.22 0.77
CA HIS B 19 -28.06 23.89 -0.64
C HIS B 19 -28.70 22.57 -1.08
N GLY B 20 -29.35 21.82 -0.18
CA GLY B 20 -29.96 20.56 -0.53
C GLY B 20 -31.34 20.42 0.08
N VAL B 21 -31.98 19.28 -0.19
CA VAL B 21 -33.31 18.98 0.33
C VAL B 21 -33.28 17.54 0.81
N LEU B 22 -34.02 17.24 1.89
CA LEU B 22 -34.07 15.91 2.48
C LEU B 22 -35.52 15.48 2.65
N LEU B 23 -35.84 14.26 2.22
CA LEU B 23 -37.14 13.66 2.44
C LEU B 23 -36.94 12.28 3.06
N ALA B 24 -37.85 11.90 3.97
CA ALA B 24 -37.81 10.57 4.58
C ALA B 24 -39.19 9.94 4.47
N PHE B 25 -39.22 8.68 4.01
CA PHE B 25 -40.44 7.94 3.72
C PHE B 25 -40.48 6.66 4.55
N ARG B 26 -41.69 6.22 4.88
CA ARG B 26 -41.85 5.00 5.66
C ARG B 26 -42.87 4.07 5.03
N GLY B 27 -42.68 2.78 5.29
CA GLY B 27 -43.72 1.81 5.02
C GLY B 27 -43.79 1.49 3.54
N PRO B 28 -44.63 0.52 3.17
CA PRO B 28 -44.67 0.06 1.78
C PRO B 28 -45.26 1.07 0.81
N ASP B 29 -46.12 1.97 1.28
CA ASP B 29 -46.60 3.04 0.42
C ASP B 29 -45.60 4.18 0.32
N ARG B 30 -44.47 4.09 1.01
CA ARG B 30 -43.46 5.16 1.03
C ARG B 30 -44.11 6.53 1.27
N LEU B 31 -44.79 6.63 2.41
CA LEU B 31 -45.42 7.89 2.82
C LEU B 31 -44.38 8.86 3.38
N LEU B 32 -44.50 10.12 3.00
CA LEU B 32 -43.56 11.14 3.45
C LEU B 32 -43.72 11.38 4.95
N GLU B 33 -42.66 11.13 5.71
CA GLU B 33 -42.69 11.24 7.16
C GLU B 33 -41.94 12.46 7.70
N VAL B 34 -40.82 12.81 7.08
CA VAL B 34 -39.99 13.94 7.50
C VAL B 34 -39.54 14.67 6.25
N VAL B 35 -39.50 16.00 6.31
CA VAL B 35 -39.10 16.77 5.13
C VAL B 35 -38.49 18.10 5.59
N SER B 36 -37.48 18.56 4.87
CA SER B 36 -36.83 19.81 5.24
C SER B 36 -37.71 20.99 4.85
N ALA B 37 -37.62 22.06 5.63
CA ALA B 37 -38.56 23.16 5.45
C ALA B 37 -38.34 23.96 4.15
N ASN B 38 -37.22 23.74 3.46
CA ASN B 38 -36.91 24.42 2.21
C ASN B 38 -37.37 23.66 0.96
N ALA B 39 -38.18 22.60 1.12
CA ALA B 39 -38.44 21.66 0.03
C ALA B 39 -39.38 22.20 -1.05
N GLN B 40 -40.01 23.36 -0.85
CA GLN B 40 -40.86 23.90 -1.91
C GLN B 40 -40.06 24.24 -3.16
N ALA B 41 -38.79 24.66 -3.01
CA ALA B 41 -37.97 25.01 -4.16
C ALA B 41 -37.66 23.81 -5.06
N LEU B 42 -38.02 22.59 -4.65
CA LEU B 42 -37.85 21.41 -5.48
C LEU B 42 -39.15 20.68 -5.78
N LEU B 43 -40.15 20.77 -4.90
CA LEU B 43 -41.37 19.99 -5.03
C LEU B 43 -42.55 20.79 -5.56
N GLY B 44 -42.46 22.12 -5.55
CA GLY B 44 -43.53 22.97 -6.05
C GLY B 44 -44.69 23.18 -5.11
N ARG B 45 -44.69 22.54 -3.95
CA ARG B 45 -45.76 22.69 -2.98
C ARG B 45 -45.16 22.96 -1.61
N PRO B 46 -45.89 23.64 -0.74
CA PRO B 46 -45.36 23.88 0.60
C PRO B 46 -45.22 22.56 1.34
N PRO B 47 -44.07 22.33 1.98
CA PRO B 47 -43.78 20.99 2.50
C PRO B 47 -44.78 20.47 3.52
N GLU B 48 -45.44 21.33 4.31
CA GLU B 48 -46.42 20.85 5.28
C GLU B 48 -47.51 20.06 4.61
N THR B 49 -47.89 20.44 3.39
CA THR B 49 -48.96 19.76 2.69
C THR B 49 -48.52 18.42 2.10
N LEU B 50 -47.24 18.11 2.12
CA LEU B 50 -46.80 16.84 1.55
C LEU B 50 -46.62 15.74 2.59
N LEU B 51 -46.60 16.07 3.89
CA LEU B 51 -46.49 15.03 4.91
C LEU B 51 -47.67 14.08 4.83
N GLY B 52 -47.39 12.79 5.00
CA GLY B 52 -48.41 11.77 4.90
C GLY B 52 -48.79 11.37 3.49
N GLN B 53 -48.16 11.98 2.44
CA GLN B 53 -48.49 11.61 1.07
C GLN B 53 -47.57 10.51 0.55
N PRO B 54 -48.07 9.63 -0.32
CA PRO B 54 -47.20 8.62 -0.93
C PRO B 54 -46.17 9.23 -1.86
N VAL B 55 -45.03 8.53 -2.00
CA VAL B 55 -43.88 9.07 -2.73
C VAL B 55 -44.28 9.40 -4.17
N GLY B 56 -45.08 8.54 -4.79
CA GLY B 56 -45.51 8.74 -6.16
C GLY B 56 -46.24 10.05 -6.37
N ARG B 57 -46.56 10.77 -5.29
CA ARG B 57 -47.29 12.03 -5.38
C ARG B 57 -46.57 13.19 -4.71
N VAL B 58 -45.30 13.04 -4.36
CA VAL B 58 -44.50 14.13 -3.84
C VAL B 58 -43.28 14.39 -4.71
N LEU B 59 -42.65 13.34 -5.23
CA LEU B 59 -41.43 13.38 -6.02
C LEU B 59 -41.77 13.56 -7.50
N PRO B 60 -41.01 14.38 -8.20
CA PRO B 60 -41.22 14.50 -9.65
C PRO B 60 -40.92 13.19 -10.33
N ALA B 61 -41.56 12.99 -11.50
CA ALA B 61 -41.33 11.76 -12.27
C ALA B 61 -39.85 11.50 -12.50
N GLU B 62 -39.05 12.56 -12.67
CA GLU B 62 -37.63 12.41 -12.97
C GLU B 62 -36.91 11.60 -11.89
N VAL B 63 -37.30 11.78 -10.63
CA VAL B 63 -36.64 11.03 -9.56
C VAL B 63 -37.20 9.63 -9.49
N LEU B 64 -38.53 9.49 -9.54
CA LEU B 64 -39.14 8.17 -9.47
C LEU B 64 -38.66 7.26 -10.59
N ALA B 65 -38.48 7.83 -11.79
CA ALA B 65 -37.99 7.05 -12.93
C ALA B 65 -36.70 6.31 -12.61
N GLN B 66 -35.90 6.80 -11.67
CA GLN B 66 -34.62 6.17 -11.38
C GLN B 66 -34.60 5.50 -10.00
N TRP B 67 -35.76 5.02 -9.55
CA TRP B 67 -35.86 4.52 -8.18
C TRP B 67 -35.05 3.24 -7.99
N GLU B 68 -35.06 2.33 -8.97
CA GLU B 68 -34.40 1.04 -8.79
C GLU B 68 -32.89 1.19 -8.73
N PRO B 69 -32.22 1.89 -9.64
CA PRO B 69 -30.77 2.07 -9.44
C PRO B 69 -30.46 2.92 -8.22
N LEU B 70 -31.35 3.86 -7.85
CA LEU B 70 -31.15 4.61 -6.62
C LEU B 70 -31.13 3.68 -5.42
N VAL B 71 -32.07 2.73 -5.37
CA VAL B 71 -32.15 1.80 -4.25
C VAL B 71 -30.98 0.83 -4.28
N ALA B 72 -30.60 0.35 -5.46
CA ALA B 72 -29.52 -0.62 -5.53
C ALA B 72 -28.16 0.02 -5.30
N ARG B 73 -27.94 1.21 -5.85
CA ARG B 73 -26.62 1.81 -5.83
C ARG B 73 -26.46 2.89 -4.78
N GLY B 74 -27.56 3.43 -4.25
CA GLY B 74 -27.48 4.48 -3.26
C GLY B 74 -27.26 5.88 -3.79
N SER B 75 -26.94 6.05 -5.09
CA SER B 75 -26.97 7.39 -5.64
C SER B 75 -27.20 7.33 -7.15
N VAL B 76 -27.86 8.37 -7.66
CA VAL B 76 -28.08 8.56 -9.10
C VAL B 76 -28.07 10.04 -9.39
N ARG B 77 -27.73 10.37 -10.63
CA ARG B 77 -27.83 11.73 -11.14
C ARG B 77 -29.19 11.90 -11.81
N VAL B 78 -29.90 12.96 -11.46
CA VAL B 78 -31.21 13.24 -12.04
C VAL B 78 -31.24 14.69 -12.51
N VAL B 79 -31.89 14.92 -13.64
CA VAL B 79 -31.98 16.23 -14.26
C VAL B 79 -33.40 16.76 -14.02
N LEU B 80 -33.50 17.79 -13.18
CA LEU B 80 -34.73 18.46 -12.80
C LEU B 80 -34.78 19.85 -13.44
N PRO B 81 -35.96 20.50 -13.46
CA PRO B 81 -36.03 21.84 -14.06
C PRO B 81 -35.05 22.82 -13.43
N ALA B 82 -34.81 22.68 -12.13
CA ALA B 82 -33.83 23.55 -11.48
C ALA B 82 -32.41 23.25 -11.93
N GLY B 83 -32.14 22.02 -12.34
CA GLY B 83 -30.81 21.66 -12.80
C GLY B 83 -30.49 20.22 -12.47
N ALA B 84 -29.21 19.89 -12.64
CA ALA B 84 -28.71 18.55 -12.33
C ALA B 84 -28.48 18.41 -10.83
N TYR B 85 -29.03 17.34 -10.27
CA TYR B 85 -28.90 17.03 -8.85
C TYR B 85 -28.47 15.59 -8.69
N ARG B 86 -27.68 15.36 -7.66
CA ARG B 86 -27.36 14.03 -7.19
C ARG B 86 -28.38 13.66 -6.13
N ALA B 87 -29.05 12.51 -6.32
CA ALA B 87 -29.95 11.92 -5.34
C ALA B 87 -29.22 10.84 -4.55
N LEU B 88 -29.27 10.92 -3.22
CA LEU B 88 -28.57 9.99 -2.34
C LEU B 88 -29.57 9.33 -1.40
N LEU B 89 -29.49 8.01 -1.28
CA LEU B 89 -30.45 7.26 -0.47
C LEU B 89 -29.73 6.45 0.59
N HIS B 90 -30.26 6.49 1.82
CA HIS B 90 -29.83 5.58 2.87
C HIS B 90 -31.00 5.37 3.82
N GLU B 91 -30.80 4.51 4.80
CA GLU B 91 -31.83 4.18 5.78
C GLU B 91 -31.47 4.74 7.15
N SER B 92 -32.46 5.27 7.84
CA SER B 92 -32.22 5.79 9.19
C SER B 92 -33.51 5.74 9.99
N ASP B 93 -33.45 5.14 11.18
CA ASP B 93 -34.61 5.06 12.07
C ASP B 93 -35.78 4.31 11.42
N GLY B 94 -35.49 3.34 10.54
CA GLY B 94 -36.55 2.63 9.86
C GLY B 94 -37.26 3.44 8.80
N LEU B 95 -36.64 4.54 8.36
CA LEU B 95 -37.11 5.35 7.25
C LEU B 95 -36.11 5.29 6.09
N THR B 96 -36.63 5.44 4.88
CA THR B 96 -35.83 5.61 3.68
C THR B 96 -35.58 7.10 3.48
N VAL B 97 -34.32 7.51 3.60
CA VAL B 97 -33.95 8.93 3.59
C VAL B 97 -33.41 9.30 2.22
N LEU B 98 -34.03 10.27 1.59
CA LEU B 98 -33.60 10.78 0.30
C LEU B 98 -33.05 12.18 0.44
N GLU B 99 -31.85 12.42 -0.08
CA GLU B 99 -31.20 13.72 -0.06
C GLU B 99 -30.85 14.15 -1.48
N LEU B 100 -31.11 15.41 -1.81
CA LEU B 100 -30.83 15.94 -3.12
C LEU B 100 -29.92 17.15 -2.99
N GLU B 101 -28.85 17.18 -3.77
CA GLU B 101 -27.91 18.29 -3.73
C GLU B 101 -27.37 18.51 -5.15
N PRO B 102 -26.92 19.74 -5.45
CA PRO B 102 -26.50 20.03 -6.83
C PRO B 102 -25.41 19.08 -7.29
N ALA B 103 -25.55 18.63 -8.53
CA ALA B 103 -24.67 17.61 -9.09
C ALA B 103 -23.40 18.21 -9.68
N GLU B 104 -22.40 17.35 -9.90
CA GLU B 104 -21.16 17.78 -10.54
C GLU B 104 -21.46 18.33 -11.92
N LEU B 105 -20.93 19.51 -12.21
CA LEU B 105 -21.18 20.13 -13.51
C LEU B 105 -19.99 19.99 -14.48
N GLN B 106 -18.83 19.58 -14.01
CA GLN B 106 -17.68 19.49 -14.90
C GLN B 106 -17.58 18.09 -15.49
N PRO B 107 -17.78 17.92 -16.81
CA PRO B 107 -17.72 16.58 -17.40
C PRO B 107 -16.39 15.90 -17.19
N GLY B 108 -15.29 16.65 -17.16
CA GLY B 108 -13.98 16.04 -17.08
C GLY B 108 -13.49 15.72 -15.68
N MET B 109 -14.36 15.86 -14.66
CA MET B 109 -13.94 15.72 -13.26
C MET B 109 -13.25 14.37 -13.01
N GLU B 110 -13.82 13.27 -13.49
CA GLU B 110 -13.24 11.95 -13.23
C GLU B 110 -11.90 11.77 -13.94
N GLU B 111 -11.74 12.36 -15.12
CA GLU B 111 -10.46 12.26 -15.81
C GLU B 111 -9.36 12.98 -15.04
N THR B 112 -9.64 14.21 -14.58
CA THR B 112 -8.70 14.90 -13.69
C THR B 112 -8.42 14.07 -12.44
N ALA B 113 -9.44 13.45 -11.85
CA ALA B 113 -9.21 12.73 -10.61
C ALA B 113 -8.32 11.52 -10.85
N LEU B 114 -8.54 10.81 -11.95
CA LEU B 114 -7.65 9.70 -12.31
C LEU B 114 -6.22 10.17 -12.50
N GLU B 115 -6.03 11.40 -12.98
CA GLU B 115 -4.68 11.93 -13.15
C GLU B 115 -4.00 12.20 -11.80
N VAL B 116 -4.76 12.70 -10.81
CA VAL B 116 -4.09 12.96 -9.53
C VAL B 116 -3.93 11.67 -8.73
N VAL B 117 -4.82 10.71 -8.91
CA VAL B 117 -4.60 9.36 -8.34
C VAL B 117 -3.25 8.79 -8.81
N ARG B 118 -2.88 9.02 -10.07
CA ARG B 118 -1.59 8.52 -10.54
C ARG B 118 -0.42 9.15 -9.80
N ARG B 119 -0.52 10.45 -9.48
CA ARG B 119 0.52 11.11 -8.70
C ARG B 119 0.78 10.41 -7.36
N LEU B 120 -0.28 9.93 -6.71
CA LEU B 120 -0.16 9.32 -5.40
C LEU B 120 0.19 7.83 -5.45
N VAL B 121 0.18 7.21 -6.63
CA VAL B 121 0.76 5.87 -6.76
C VAL B 121 2.13 5.98 -7.42
N SER B 122 2.18 6.50 -8.65
CA SER B 122 3.41 6.72 -9.42
C SER B 122 4.24 5.44 -9.43
N PRO B 123 5.57 5.51 -9.64
CA PRO B 123 6.42 4.45 -9.08
C PRO B 123 6.26 4.34 -7.57
N LEU B 124 7.17 4.95 -6.81
CA LEU B 124 7.17 4.90 -5.35
C LEU B 124 7.04 6.32 -4.81
N ALA B 125 5.83 6.67 -4.37
CA ALA B 125 5.62 7.94 -3.69
C ALA B 125 6.24 7.90 -2.30
N GLY B 126 6.76 9.06 -1.87
CA GLY B 126 7.39 9.14 -0.56
C GLY B 126 8.82 8.65 -0.50
N VAL B 127 9.52 8.58 -1.64
CA VAL B 127 10.93 8.20 -1.67
C VAL B 127 11.77 9.13 -0.81
N LYS B 128 11.43 10.41 -0.76
CA LYS B 128 12.17 11.30 0.13
C LYS B 128 11.31 11.67 1.32
N GLY B 129 11.00 10.68 2.14
CA GLY B 129 10.28 10.89 3.37
C GLY B 129 8.79 10.73 3.20
N THR B 130 8.13 10.28 4.27
CA THR B 130 6.70 10.35 4.33
C THR B 130 6.23 11.80 4.34
N GLN B 131 7.11 12.71 4.74
CA GLN B 131 6.80 14.14 4.66
C GLN B 131 6.39 14.55 3.25
N ALA B 132 7.05 14.00 2.22
CA ALA B 132 6.69 14.38 0.85
C ALA B 132 5.44 13.63 0.39
N LEU B 133 5.21 12.45 0.95
CA LEU B 133 3.94 11.75 0.77
C LEU B 133 2.77 12.57 1.27
N LEU B 134 2.87 13.10 2.49
CA LEU B 134 1.83 13.96 3.04
C LEU B 134 1.64 15.23 2.21
N GLN B 135 2.75 15.85 1.77
CA GLN B 135 2.65 17.04 0.92
C GLN B 135 1.89 16.75 -0.37
N THR B 136 2.26 15.67 -1.06
CA THR B 136 1.62 15.31 -2.31
C THR B 136 0.11 15.07 -2.11
N ALA B 137 -0.26 14.48 -0.97
CA ALA B 137 -1.67 14.28 -0.66
C ALA B 137 -2.40 15.61 -0.45
N ALA B 138 -1.78 16.54 0.29
CA ALA B 138 -2.42 17.86 0.44
C ALA B 138 -2.52 18.57 -0.89
N ASP B 139 -1.45 18.53 -1.70
CA ASP B 139 -1.44 19.21 -2.98
C ASP B 139 -2.51 18.67 -3.91
N THR B 140 -2.67 17.34 -3.96
CA THR B 140 -3.60 16.77 -4.93
C THR B 140 -5.05 17.00 -4.50
N VAL B 141 -5.32 16.93 -3.19
CA VAL B 141 -6.65 17.28 -2.71
C VAL B 141 -6.96 18.75 -2.99
N ARG B 142 -5.97 19.63 -2.80
CA ARG B 142 -6.23 21.03 -3.10
C ARG B 142 -6.50 21.23 -4.59
N ALA B 143 -5.75 20.54 -5.45
CA ALA B 143 -5.97 20.63 -6.89
C ALA B 143 -7.34 20.09 -7.27
N LEU B 144 -7.75 18.97 -6.68
CA LEU B 144 -9.03 18.39 -7.05
C LEU B 144 -10.22 19.20 -6.53
N THR B 145 -10.07 19.87 -5.38
CA THR B 145 -11.18 20.58 -4.73
C THR B 145 -11.18 22.07 -4.99
N GLY B 146 -10.01 22.67 -5.22
CA GLY B 146 -9.92 24.12 -5.33
C GLY B 146 -10.03 24.86 -4.01
N PHE B 147 -9.87 24.20 -2.88
CA PHE B 147 -9.93 24.88 -1.59
C PHE B 147 -8.69 25.73 -1.37
N ASP B 148 -8.88 26.92 -0.78
CA ASP B 148 -7.77 27.82 -0.52
C ASP B 148 -6.69 27.16 0.32
N ARG B 149 -7.09 26.36 1.31
CA ARG B 149 -6.12 25.78 2.24
C ARG B 149 -6.48 24.33 2.55
N VAL B 150 -5.48 23.47 2.50
CA VAL B 150 -5.65 22.04 2.73
C VAL B 150 -4.56 21.61 3.70
N MET B 151 -4.94 20.87 4.75
CA MET B 151 -3.98 20.54 5.80
C MET B 151 -4.08 19.07 6.19
N VAL B 152 -2.94 18.46 6.50
CA VAL B 152 -2.89 17.10 7.00
C VAL B 152 -2.72 17.15 8.51
N TYR B 153 -3.70 16.62 9.23
CA TYR B 153 -3.80 16.75 10.67
C TYR B 153 -3.69 15.37 11.29
N ARG B 154 -2.73 15.18 12.19
CA ARG B 154 -2.49 13.87 12.80
C ARG B 154 -2.87 13.93 14.28
N PHE B 155 -3.57 12.91 14.75
CA PHE B 155 -3.90 12.82 16.17
C PHE B 155 -2.74 12.20 16.93
N ASP B 156 -2.40 12.79 18.07
CA ASP B 156 -1.49 12.18 19.01
C ASP B 156 -2.26 11.24 19.94
N ALA B 157 -1.51 10.51 20.77
CA ALA B 157 -2.11 9.45 21.58
C ALA B 157 -3.12 9.99 22.59
N ASP B 158 -2.99 11.26 22.98
CA ASP B 158 -3.99 11.91 23.82
C ASP B 158 -5.06 12.65 23.01
N TRP B 159 -5.15 12.41 21.70
CA TRP B 159 -6.16 12.98 20.81
C TRP B 159 -6.08 14.50 20.64
N HIS B 160 -5.05 15.15 21.17
CA HIS B 160 -4.73 16.44 20.58
C HIS B 160 -4.06 16.18 19.22
N GLY B 161 -3.97 17.21 18.38
CA GLY B 161 -3.45 17.00 17.05
C GLY B 161 -2.48 18.09 16.62
N GLU B 162 -1.80 17.81 15.52
CA GLU B 162 -0.85 18.75 14.94
C GLU B 162 -0.91 18.68 13.42
N VAL B 163 -0.66 19.82 12.78
CA VAL B 163 -0.71 19.96 11.33
C VAL B 163 0.66 19.56 10.80
N LEU B 164 0.73 18.47 10.05
CA LEU B 164 2.02 17.95 9.56
C LEU B 164 2.39 18.45 8.17
N ALA B 165 1.40 18.80 7.36
CA ALA B 165 1.62 19.24 5.99
C ALA B 165 0.50 20.21 5.65
N GLU B 166 0.78 21.06 4.69
CA GLU B 166 -0.14 22.13 4.32
C GLU B 166 0.10 22.52 2.88
N SER B 167 -0.98 22.67 2.13
CA SER B 167 -0.95 23.20 0.77
C SER B 167 -1.98 24.31 0.70
N LYS B 168 -1.54 25.51 0.34
CA LYS B 168 -2.42 26.65 0.48
C LYS B 168 -2.17 27.65 -0.65
N ARG B 169 -3.16 28.50 -0.86
CA ARG B 169 -3.06 29.55 -1.86
C ARG B 169 -1.97 30.53 -1.47
N GLY B 170 -1.36 31.16 -2.48
CA GLY B 170 -0.34 32.15 -2.21
C GLY B 170 -0.88 33.28 -1.35
N GLY B 171 -0.05 33.75 -0.42
CA GLY B 171 -0.46 34.84 0.44
C GLY B 171 -1.49 34.46 1.48
N MET B 172 -1.71 33.17 1.69
CA MET B 172 -2.65 32.68 2.68
C MET B 172 -1.92 32.35 3.99
N ASP B 173 -2.56 32.66 5.11
CA ASP B 173 -2.10 32.20 6.41
C ASP B 173 -2.23 30.68 6.51
N GLY B 174 -1.45 30.10 7.43
CA GLY B 174 -1.44 28.66 7.59
C GLY B 174 -1.23 28.26 9.02
N PHE B 175 -1.28 26.94 9.25
CA PHE B 175 -1.13 26.38 10.59
C PHE B 175 -0.07 25.29 10.64
N LEU B 176 0.79 25.20 9.62
CA LEU B 176 1.83 24.20 9.59
C LEU B 176 2.61 24.17 10.90
N GLY B 177 2.85 22.96 11.39
CA GLY B 177 3.59 22.76 12.62
C GLY B 177 2.84 23.05 13.91
N MET B 178 1.60 23.50 13.85
CA MET B 178 0.93 23.87 15.09
C MET B 178 0.11 22.73 15.69
N HIS B 179 -0.14 22.86 16.99
CA HIS B 179 -0.84 21.89 17.81
C HIS B 179 -2.17 22.48 18.28
N PHE B 180 -3.16 21.60 18.37
CA PHE B 180 -4.52 21.99 18.70
C PHE B 180 -5.06 21.12 19.82
N PRO B 181 -5.84 21.67 20.76
CA PRO B 181 -6.40 20.85 21.84
C PRO B 181 -7.30 19.73 21.33
N ALA B 182 -7.30 18.63 22.09
CA ALA B 182 -8.18 17.51 21.81
C ALA B 182 -9.66 17.92 21.82
N THR B 183 -10.02 18.95 22.60
CA THR B 183 -11.42 19.34 22.66
C THR B 183 -11.89 20.06 21.40
N ASP B 184 -10.97 20.45 20.51
CA ASP B 184 -11.34 21.01 19.21
C ASP B 184 -12.13 20.02 18.37
N ILE B 185 -11.95 18.72 18.59
CA ILE B 185 -12.73 17.66 17.95
C ILE B 185 -13.14 16.72 19.07
N PRO B 186 -14.27 16.95 19.71
CA PRO B 186 -14.61 16.17 20.91
C PRO B 186 -14.99 14.74 20.57
N VAL B 187 -15.09 13.95 21.64
CA VAL B 187 -15.07 12.50 21.51
C VAL B 187 -16.25 11.97 20.66
N GLN B 188 -17.42 12.61 20.72
CA GLN B 188 -18.52 12.08 19.90
C GLN B 188 -18.32 12.41 18.43
N ALA B 189 -17.62 13.51 18.13
CA ALA B 189 -17.28 13.84 16.74
C ALA B 189 -16.29 12.84 16.17
N ARG B 190 -15.22 12.55 16.92
CA ARG B 190 -14.27 11.51 16.54
C ARG B 190 -14.99 10.19 16.33
N ALA B 191 -15.97 9.87 17.16
CA ALA B 191 -16.72 8.62 16.98
C ALA B 191 -17.51 8.66 15.68
N LEU B 192 -18.21 9.76 15.42
CA LEU B 192 -18.96 9.85 14.18
C LEU B 192 -18.03 9.79 12.96
N TYR B 193 -16.92 10.52 13.00
CA TYR B 193 -16.00 10.60 11.87
C TYR B 193 -15.26 9.28 11.62
N THR B 194 -15.28 8.34 12.57
CA THR B 194 -14.81 7.00 12.30
C THR B 194 -15.80 6.21 11.45
N ARG B 195 -17.10 6.45 11.64
CA ARG B 195 -18.12 5.74 10.84
C ARG B 195 -18.40 6.45 9.52
N ASN B 196 -18.49 7.77 9.55
CA ASN B 196 -18.84 8.56 8.38
C ASN B 196 -17.62 9.39 8.00
N PRO B 197 -16.84 8.96 7.00
CA PRO B 197 -15.48 9.51 6.80
C PRO B 197 -15.40 10.84 6.06
N LEU B 198 -16.52 11.45 5.69
CA LEU B 198 -16.55 12.66 4.86
C LEU B 198 -17.51 13.67 5.46
N ARG B 199 -17.19 14.96 5.36
CA ARG B 199 -18.16 15.99 5.75
C ARG B 199 -17.85 17.31 5.07
N LEU B 200 -18.87 17.93 4.51
CA LEU B 200 -18.74 19.25 3.90
C LEU B 200 -19.57 20.26 4.67
N ILE B 201 -18.99 21.43 4.94
CA ILE B 201 -19.71 22.57 5.46
C ILE B 201 -19.63 23.61 4.38
N ALA B 202 -20.70 23.72 3.56
CA ALA B 202 -20.60 24.53 2.35
C ALA B 202 -20.62 26.02 2.64
N ASP B 203 -21.28 26.46 3.72
CA ASP B 203 -21.30 27.88 4.05
C ASP B 203 -21.39 28.04 5.55
N ALA B 204 -20.30 28.51 6.18
CA ALA B 204 -20.27 28.54 7.63
C ALA B 204 -21.12 29.64 8.24
N ARG B 205 -21.57 30.62 7.45
CA ARG B 205 -22.42 31.69 7.95
C ARG B 205 -23.90 31.39 7.79
N ALA B 206 -24.28 30.41 6.99
CA ALA B 206 -25.68 30.19 6.66
C ALA B 206 -26.44 29.57 7.82
N ARG B 207 -27.70 29.73 7.79
CA ARG B 207 -28.42 29.13 8.90
C ARG B 207 -28.95 27.75 8.53
N PRO B 208 -29.08 26.86 9.51
CA PRO B 208 -29.61 25.53 9.20
C PRO B 208 -31.08 25.61 8.83
N VAL B 209 -31.49 24.67 7.99
CA VAL B 209 -32.87 24.48 7.58
C VAL B 209 -33.48 23.39 8.51
N PRO B 210 -34.54 23.71 9.24
CA PRO B 210 -35.12 22.67 10.11
C PRO B 210 -35.86 21.60 9.31
N LEU B 211 -35.98 20.44 9.95
CA LEU B 211 -36.79 19.35 9.47
C LEU B 211 -38.21 19.48 10.02
N LEU B 212 -39.16 18.99 9.23
CA LEU B 212 -40.58 19.00 9.54
C LEU B 212 -41.09 17.57 9.56
N PRO B 213 -41.73 17.11 10.65
CA PRO B 213 -41.88 17.77 11.95
C PRO B 213 -40.53 17.73 12.69
N PRO B 214 -40.38 18.33 13.87
CA PRO B 214 -39.06 18.36 14.50
C PRO B 214 -38.68 17.08 15.21
N VAL B 215 -39.58 16.11 15.25
CA VAL B 215 -39.29 14.81 15.81
C VAL B 215 -39.86 13.80 14.84
N VAL B 216 -39.29 12.61 14.85
CA VAL B 216 -39.94 11.48 14.20
C VAL B 216 -41.05 11.08 15.15
N PRO B 217 -42.31 11.14 14.71
CA PRO B 217 -43.43 10.96 15.66
C PRO B 217 -43.37 9.66 16.43
N ALA B 218 -42.98 8.58 15.77
CA ALA B 218 -42.88 7.30 16.48
C ALA B 218 -41.86 7.34 17.60
N LEU B 219 -40.82 8.17 17.47
CA LEU B 219 -39.69 8.09 18.40
C LEU B 219 -39.60 9.23 19.40
N GLY B 220 -40.19 10.38 19.13
CA GLY B 220 -40.11 11.47 20.07
C GLY B 220 -38.76 12.14 20.14
N ARG B 221 -37.92 11.98 19.13
CA ARG B 221 -36.67 12.72 18.99
C ARG B 221 -36.42 12.99 17.52
N PRO B 222 -35.49 13.89 17.21
CA PRO B 222 -35.18 14.18 15.80
C PRO B 222 -34.68 12.95 15.06
N LEU B 223 -34.87 13.00 13.73
CA LEU B 223 -34.28 12.01 12.82
C LEU B 223 -32.78 11.92 13.04
N ASP B 224 -32.27 10.69 13.05
CA ASP B 224 -30.83 10.48 13.19
C ASP B 224 -30.12 10.81 11.87
N LEU B 225 -29.23 11.81 11.90
CA LEU B 225 -28.58 12.30 10.69
C LEU B 225 -27.11 11.86 10.55
N SER B 226 -26.71 10.84 11.31
CA SER B 226 -25.33 10.33 11.27
C SER B 226 -24.80 10.18 9.87
N ASN B 227 -25.60 9.58 8.98
CA ASN B 227 -25.18 9.22 7.63
C ASN B 227 -25.71 10.20 6.58
N SER B 228 -26.20 11.35 7.02
CA SER B 228 -26.72 12.36 6.12
C SER B 228 -25.60 13.23 5.54
N ALA B 229 -25.58 13.37 4.21
CA ALA B 229 -24.61 14.25 3.58
C ALA B 229 -24.91 15.73 3.82
N LEU B 230 -26.18 16.08 4.07
CA LEU B 230 -26.60 17.48 4.20
C LEU B 230 -26.65 17.96 5.65
N ARG B 231 -26.34 17.09 6.61
CA ARG B 231 -26.41 17.41 8.03
C ARG B 231 -25.74 18.74 8.34
N SER B 232 -26.46 19.58 9.07
CA SER B 232 -25.89 20.81 9.61
C SER B 232 -25.12 20.48 10.89
N VAL B 233 -23.91 21.03 11.02
CA VAL B 233 -23.00 20.64 12.10
C VAL B 233 -23.23 21.48 13.35
N SER B 234 -22.52 21.13 14.41
CA SER B 234 -22.69 21.77 15.71
C SER B 234 -22.56 23.29 15.59
N PRO B 235 -23.42 24.05 16.27
CA PRO B 235 -23.30 25.52 16.20
C PRO B 235 -22.01 26.04 16.80
N VAL B 236 -21.43 25.34 17.77
CA VAL B 236 -20.20 25.86 18.35
C VAL B 236 -19.05 25.64 17.39
N HIS B 237 -19.15 24.61 16.53
CA HIS B 237 -18.12 24.46 15.51
C HIS B 237 -18.26 25.53 14.44
N LEU B 238 -19.48 25.94 14.10
CA LEU B 238 -19.64 27.04 13.14
C LEU B 238 -19.01 28.32 13.67
N GLU B 239 -19.21 28.60 14.96
CA GLU B 239 -18.57 29.74 15.58
C GLU B 239 -17.05 29.60 15.54
N TYR B 240 -16.54 28.37 15.66
CA TYR B 240 -15.11 28.14 15.61
C TYR B 240 -14.56 28.46 14.23
N LEU B 241 -15.24 27.99 13.18
CA LEU B 241 -14.84 28.37 11.82
C LEU B 241 -14.84 29.89 11.63
N ARG B 242 -15.93 30.55 12.04
CA ARG B 242 -16.00 32.00 11.88
C ARG B 242 -14.90 32.70 12.66
N ASN B 243 -14.55 32.21 13.86
CA ASN B 243 -13.44 32.82 14.57
C ASN B 243 -12.14 32.64 13.79
N MET B 244 -11.98 31.54 13.07
CA MET B 244 -10.83 31.32 12.21
C MET B 244 -10.88 32.16 10.94
N GLY B 245 -12.04 32.68 10.55
CA GLY B 245 -12.16 33.39 9.29
C GLY B 245 -12.46 32.54 8.08
N VAL B 246 -12.92 31.29 8.24
CA VAL B 246 -13.18 30.42 7.10
C VAL B 246 -14.68 30.42 6.78
N GLY B 247 -14.98 30.40 5.48
CA GLY B 247 -16.35 30.47 5.01
C GLY B 247 -16.92 29.13 4.57
N ALA B 248 -16.04 28.16 4.28
CA ALA B 248 -16.43 26.82 3.88
C ALA B 248 -15.39 25.83 4.40
N SER B 249 -15.83 24.62 4.70
CA SER B 249 -14.92 23.64 5.29
C SER B 249 -15.26 22.23 4.85
N PHE B 250 -14.22 21.44 4.59
CA PHE B 250 -14.39 20.08 4.11
C PHE B 250 -13.31 19.21 4.71
N SER B 251 -13.68 18.09 5.32
CA SER B 251 -12.67 17.22 5.89
C SER B 251 -12.97 15.75 5.61
N LEU B 252 -11.88 14.99 5.55
CA LEU B 252 -11.90 13.55 5.29
C LEU B 252 -11.15 12.87 6.41
N SER B 253 -11.75 11.81 6.95
CA SER B 253 -11.10 11.00 7.96
C SER B 253 -10.03 10.13 7.31
N LEU B 254 -8.92 9.99 8.00
CA LEU B 254 -7.84 9.10 7.60
C LEU B 254 -7.92 7.90 8.52
N LEU B 255 -8.28 6.75 7.96
CA LEU B 255 -8.34 5.47 8.65
C LEU B 255 -7.20 4.60 8.13
N LYS B 256 -6.26 4.23 8.99
CA LYS B 256 -5.14 3.47 8.47
C LYS B 256 -5.30 1.96 8.68
N GLU B 257 -5.54 1.51 9.91
CA GLU B 257 -5.80 0.11 10.20
C GLU B 257 -7.00 0.02 11.16
N GLY B 258 -8.11 0.61 10.73
CA GLY B 258 -9.32 0.62 11.53
C GLY B 258 -9.44 1.76 12.51
N VAL B 259 -8.37 2.52 12.76
CA VAL B 259 -8.43 3.59 13.75
C VAL B 259 -8.30 4.94 13.05
N LEU B 260 -8.98 5.92 13.64
CA LEU B 260 -8.90 7.33 13.27
C LEU B 260 -7.49 7.88 13.48
N TRP B 261 -6.71 7.96 12.40
CA TRP B 261 -5.32 8.39 12.50
C TRP B 261 -5.20 9.91 12.42
N GLY B 262 -6.04 10.52 11.61
CA GLY B 262 -5.97 11.94 11.40
C GLY B 262 -7.03 12.37 10.43
N LEU B 263 -6.83 13.57 9.89
CA LEU B 263 -7.82 14.20 9.04
C LEU B 263 -7.07 14.93 7.94
N ILE B 264 -7.66 14.97 6.76
CA ILE B 264 -7.31 15.98 5.79
C ILE B 264 -8.38 17.06 5.91
N ALA B 265 -7.98 18.25 6.33
CA ALA B 265 -8.92 19.33 6.58
C ALA B 265 -8.72 20.42 5.56
N CYS B 266 -9.82 20.90 4.98
CA CYS B 266 -9.81 21.92 3.94
C CYS B 266 -10.62 23.14 4.39
N HIS B 267 -10.06 24.32 4.15
CA HIS B 267 -10.74 25.58 4.41
C HIS B 267 -10.81 26.41 3.14
N HIS B 268 -11.95 27.07 2.95
CA HIS B 268 -12.10 28.11 1.93
C HIS B 268 -12.52 29.41 2.60
N LEU B 269 -11.99 30.54 2.10
CA LEU B 269 -12.33 31.84 2.70
C LEU B 269 -13.74 32.30 2.36
N GLU B 270 -14.33 31.76 1.30
CA GLU B 270 -15.69 32.07 0.88
C GLU B 270 -16.50 30.77 0.83
N PRO B 271 -17.83 30.88 0.77
CA PRO B 271 -18.65 29.66 0.63
C PRO B 271 -18.27 28.90 -0.63
N LEU B 272 -18.41 27.58 -0.57
CA LEU B 272 -17.97 26.74 -1.69
C LEU B 272 -18.62 25.37 -1.55
N HIS B 273 -19.39 24.97 -2.56
CA HIS B 273 -19.95 23.63 -2.61
C HIS B 273 -19.08 22.73 -3.49
N ILE B 274 -18.78 21.53 -2.98
CA ILE B 274 -18.10 20.47 -3.72
C ILE B 274 -19.11 19.35 -3.92
N SER B 275 -19.22 18.84 -5.14
CA SER B 275 -20.22 17.84 -5.44
C SER B 275 -19.91 16.53 -4.73
N HIS B 276 -20.93 15.68 -4.62
CA HIS B 276 -20.78 14.37 -4.03
C HIS B 276 -19.77 13.53 -4.80
N GLU B 277 -19.90 13.53 -6.13
CA GLU B 277 -18.94 12.83 -7.00
C GLU B 277 -17.51 13.31 -6.76
N ARG B 278 -17.33 14.62 -6.65
CA ARG B 278 -16.00 15.15 -6.38
C ARG B 278 -15.55 14.83 -4.96
N ARG B 279 -16.47 14.78 -3.98
CA ARG B 279 -16.04 14.40 -2.63
C ARG B 279 -15.56 12.95 -2.61
N ARG B 280 -16.24 12.09 -3.37
CA ARG B 280 -15.87 10.68 -3.42
C ARG B 280 -14.54 10.47 -4.13
N ALA B 281 -14.23 11.32 -5.12
CA ALA B 281 -12.89 11.28 -5.71
C ALA B 281 -11.83 11.64 -4.67
N CYS B 282 -12.13 12.60 -3.79
CA CYS B 282 -11.17 12.94 -2.74
C CYS B 282 -10.97 11.79 -1.77
N GLU B 283 -12.04 11.05 -1.48
CA GLU B 283 -11.93 9.91 -0.56
C GLU B 283 -11.02 8.82 -1.09
N VAL B 284 -11.04 8.61 -2.42
CA VAL B 284 -10.06 7.74 -3.04
C VAL B 284 -8.64 8.18 -2.71
N LEU B 285 -8.36 9.48 -2.78
CA LEU B 285 -7.00 9.94 -2.48
C LEU B 285 -6.62 9.64 -1.04
N THR B 286 -7.55 9.84 -0.09
CA THR B 286 -7.24 9.61 1.32
C THR B 286 -7.04 8.14 1.61
N GLN B 287 -7.89 7.25 1.07
CA GLN B 287 -7.61 5.83 1.24
C GLN B 287 -6.30 5.42 0.56
N LEU B 288 -5.92 6.12 -0.49
CA LEU B 288 -4.62 5.84 -1.11
C LEU B 288 -3.48 6.30 -0.21
N LEU B 289 -3.61 7.47 0.43
CA LEU B 289 -2.57 7.94 1.34
C LEU B 289 -2.41 6.99 2.51
N ALA B 290 -3.53 6.58 3.11
CA ALA B 290 -3.50 5.61 4.20
C ALA B 290 -2.75 4.35 3.80
N LEU B 291 -3.01 3.84 2.60
CA LEU B 291 -2.31 2.66 2.11
C LEU B 291 -0.83 2.94 1.93
N GLN B 292 -0.47 4.08 1.35
CA GLN B 292 0.95 4.39 1.19
C GLN B 292 1.65 4.50 2.55
N LEU B 293 0.99 5.15 3.52
CA LEU B 293 1.58 5.30 4.85
C LEU B 293 1.84 3.95 5.50
N SER B 294 0.91 2.99 5.34
CA SER B 294 1.11 1.68 5.97
C SER B 294 2.24 0.91 5.32
N ALA B 295 2.35 0.99 4.00
CA ALA B 295 3.41 0.27 3.30
C ALA B 295 4.78 0.80 3.69
N GLU B 296 4.93 2.14 3.72
CA GLU B 296 6.22 2.75 4.08
C GLU B 296 6.54 2.54 5.55
N GLU B 297 5.55 2.65 6.43
CA GLU B 297 5.80 2.43 7.86
C GLU B 297 6.26 1.00 8.12
N ARG B 298 5.59 0.03 7.51
CA ARG B 298 6.03 -1.35 7.68
C ARG B 298 7.44 -1.56 7.15
N ALA B 299 7.79 -0.92 6.03
CA ALA B 299 9.16 -1.05 5.54
C ALA B 299 10.17 -0.45 6.52
N ALA B 300 9.89 0.73 7.04
CA ALA B 300 10.82 1.37 7.98
C ALA B 300 11.03 0.52 9.24
N GLU B 301 9.93 -0.08 9.75
CA GLU B 301 10.06 -0.92 10.94
C GLU B 301 10.85 -2.20 10.65
N ALA B 302 10.61 -2.83 9.49
CA ALA B 302 11.44 -3.96 9.09
C ALA B 302 12.92 -3.57 9.01
N SER B 303 13.21 -2.36 8.49
CA SER B 303 14.62 -1.97 8.33
C SER B 303 15.29 -1.73 9.67
N GLU B 304 14.56 -1.10 10.60
CA GLU B 304 15.08 -0.89 11.96
C GLU B 304 15.31 -2.23 12.66
N ASP B 305 14.31 -3.12 12.62
CA ASP B 305 14.47 -4.46 13.17
C ASP B 305 15.72 -5.13 12.61
N ALA B 306 15.93 -5.03 11.30
CA ALA B 306 17.13 -5.59 10.68
C ALA B 306 18.40 -5.01 11.27
N HIS B 307 18.43 -3.69 11.53
CA HIS B 307 19.61 -3.10 12.16
C HIS B 307 19.82 -3.65 13.57
N ARG B 308 18.77 -3.68 14.39
CA ARG B 308 18.92 -4.18 15.76
C ARG B 308 19.44 -5.62 15.75
N ALA B 309 18.90 -6.46 14.87
CA ALA B 309 19.34 -7.85 14.81
C ALA B 309 20.78 -7.98 14.33
N ALA B 310 21.24 -7.09 13.46
CA ALA B 310 22.67 -7.05 13.13
C ALA B 310 23.50 -6.74 14.37
N LEU B 311 23.08 -5.75 15.17
CA LEU B 311 23.76 -5.44 16.42
C LEU B 311 23.79 -6.65 17.36
N LEU B 312 22.65 -7.29 17.58
CA LEU B 312 22.62 -8.51 18.40
C LEU B 312 23.54 -9.59 17.85
N GLY B 313 23.53 -9.76 16.52
CA GLY B 313 24.39 -10.75 15.89
C GLY B 313 25.87 -10.48 16.08
N GLN B 314 26.25 -9.20 16.17
CA GLN B 314 27.64 -8.86 16.49
C GLN B 314 27.93 -9.12 17.97
N LEU B 315 26.97 -8.82 18.84
CA LEU B 315 27.14 -9.18 20.25
C LEU B 315 27.34 -10.68 20.43
N ALA B 316 26.59 -11.49 19.69
CA ALA B 316 26.70 -12.94 19.82
C ALA B 316 28.08 -13.43 19.41
N THR B 317 28.56 -12.95 18.26
CA THR B 317 29.94 -13.27 17.84
C THR B 317 30.94 -12.88 18.91
N ALA B 318 30.81 -11.68 19.50
CA ALA B 318 31.81 -11.21 20.46
C ALA B 318 31.84 -12.07 21.71
N MET B 319 30.67 -12.42 22.25
CA MET B 319 30.62 -13.26 23.44
C MET B 319 31.23 -14.63 23.15
N GLY B 320 30.88 -15.23 22.02
CA GLY B 320 31.52 -16.45 21.60
C GLY B 320 32.86 -16.14 20.95
N GLU B 321 33.83 -15.72 21.75
CA GLU B 321 35.13 -15.29 21.26
C GLU B 321 36.02 -14.90 22.43
N GLY B 322 35.44 -14.25 23.43
CA GLY B 322 36.17 -13.72 24.56
C GLY B 322 35.81 -14.42 25.87
N GLY B 323 36.48 -13.97 26.92
CA GLY B 323 36.31 -14.58 28.22
C GLY B 323 35.23 -13.93 29.06
N THR B 324 35.59 -12.85 29.74
CA THR B 324 34.69 -12.25 30.72
C THR B 324 33.49 -11.58 30.06
N LEU B 325 32.31 -11.75 30.67
CA LEU B 325 31.14 -10.98 30.26
C LEU B 325 31.40 -9.49 30.41
N GLU B 326 31.79 -9.07 31.60
CA GLU B 326 32.04 -7.65 31.87
C GLU B 326 33.12 -7.09 30.97
N GLU B 327 34.05 -7.93 30.52
CA GLU B 327 35.06 -7.47 29.56
C GLU B 327 34.45 -7.29 28.17
N VAL B 328 33.74 -8.31 27.68
CA VAL B 328 33.13 -8.22 26.36
C VAL B 328 32.12 -7.08 26.32
N LEU B 329 31.28 -7.01 27.35
CA LEU B 329 30.30 -5.92 27.44
C LEU B 329 30.98 -4.56 27.52
N GLU B 330 32.18 -4.50 28.11
CA GLU B 330 32.93 -3.24 28.10
C GLU B 330 33.48 -2.95 26.70
N LYS B 331 34.11 -3.94 26.08
CA LYS B 331 34.64 -3.75 24.73
C LYS B 331 33.52 -3.38 23.75
N GLU B 332 32.36 -4.03 23.86
CA GLU B 332 31.25 -3.79 22.97
C GLU B 332 30.30 -2.71 23.49
N SER B 333 30.82 -1.74 24.23
CA SER B 333 29.97 -0.85 25.02
C SER B 333 28.93 -0.15 24.15
N GLU B 334 29.33 0.38 23.02
CA GLU B 334 28.38 1.21 22.32
C GLU B 334 27.41 0.43 21.42
N ARG B 335 27.73 -0.83 21.06
CA ARG B 335 26.70 -1.64 20.42
C ARG B 335 25.58 -1.95 21.39
N VAL B 336 25.92 -2.17 22.67
CA VAL B 336 24.95 -2.43 23.71
C VAL B 336 24.03 -1.23 23.94
N LEU B 337 24.55 -0.02 23.74
CA LEU B 337 23.72 1.18 23.88
C LEU B 337 22.94 1.44 22.60
N ALA B 338 23.55 1.18 21.43
CA ALA B 338 22.83 1.35 20.18
C ALA B 338 21.60 0.45 20.11
N LEU B 339 21.65 -0.73 20.76
CA LEU B 339 20.53 -1.67 20.72
C LEU B 339 19.19 -1.00 20.96
N THR B 340 19.14 -0.06 21.92
CA THR B 340 17.90 0.62 22.28
C THR B 340 17.99 2.13 22.12
N GLY B 341 18.99 2.61 21.38
CA GLY B 341 19.25 4.04 21.19
C GLY B 341 19.44 4.81 22.48
N ALA B 342 20.20 4.25 23.41
CA ALA B 342 20.36 4.80 24.75
C ALA B 342 21.73 5.48 24.92
N ALA B 343 21.86 6.21 26.03
CA ALA B 343 23.12 6.88 26.38
C ALA B 343 23.84 6.23 27.56
N GLY B 344 23.20 5.32 28.27
CA GLY B 344 23.89 4.55 29.29
C GLY B 344 23.16 3.25 29.52
N VAL B 345 23.77 2.38 30.31
CA VAL B 345 23.11 1.13 30.67
C VAL B 345 23.72 0.64 31.98
N ALA B 346 22.86 0.15 32.86
CA ALA B 346 23.28 -0.57 34.07
C ALA B 346 22.96 -2.05 33.90
N LEU B 347 24.00 -2.88 34.05
CA LEU B 347 23.91 -4.33 33.91
C LEU B 347 24.07 -4.94 35.30
N LEU B 348 23.00 -5.52 35.82
CA LEU B 348 22.99 -6.09 37.17
C LEU B 348 23.18 -7.60 37.05
N LEU B 349 24.44 -8.00 36.96
CA LEU B 349 24.80 -9.40 36.86
C LEU B 349 25.02 -9.96 38.26
N GLY B 350 24.31 -9.39 39.25
CA GLY B 350 24.36 -9.90 40.60
C GLY B 350 25.21 -9.08 41.56
N GLU B 351 26.54 -9.19 41.43
CA GLU B 351 27.45 -8.54 42.35
C GLU B 351 27.37 -7.02 42.25
N GLU B 352 28.43 -6.39 41.74
CA GLU B 352 28.40 -4.95 41.64
C GLU B 352 27.63 -4.52 40.40
N PRO B 353 26.78 -3.50 40.50
CA PRO B 353 26.15 -2.95 39.29
C PRO B 353 27.19 -2.42 38.33
N LEU B 354 27.33 -3.10 37.19
CA LEU B 354 28.22 -2.67 36.12
C LEU B 354 27.53 -1.54 35.35
N LEU B 355 28.25 -0.44 35.15
CA LEU B 355 27.68 0.78 34.58
C LEU B 355 28.48 1.14 33.34
N VAL B 356 27.81 1.21 32.19
CA VAL B 356 28.45 1.56 30.92
C VAL B 356 27.92 2.90 30.44
N GLY B 357 28.83 3.73 29.92
CA GLY B 357 28.42 5.01 29.38
C GLY B 357 27.82 5.92 30.43
N CYS B 358 26.78 6.66 30.04
CA CYS B 358 26.25 7.75 30.83
C CYS B 358 25.09 7.29 31.71
N THR B 359 25.33 7.22 33.01
CA THR B 359 24.37 6.59 33.90
C THR B 359 24.23 7.36 35.22
N PRO B 360 23.21 7.09 36.03
CA PRO B 360 23.19 7.64 37.39
C PRO B 360 24.26 6.97 38.25
N ALA B 361 24.56 7.63 39.37
CA ALA B 361 25.58 7.12 40.28
C ALA B 361 25.19 5.75 40.84
N GLN B 362 26.20 4.98 41.25
CA GLN B 362 25.96 3.60 41.67
C GLN B 362 24.95 3.50 42.81
N ASP B 363 25.01 4.42 43.77
CA ASP B 363 24.02 4.41 44.83
C ASP B 363 22.62 4.69 44.29
N GLU B 364 22.51 5.61 43.32
CA GLU B 364 21.21 5.95 42.78
C GLU B 364 20.61 4.83 41.95
N VAL B 365 21.44 4.08 41.22
CA VAL B 365 20.92 2.99 40.40
C VAL B 365 20.50 1.83 41.29
N GLU B 366 21.30 1.50 42.31
CA GLU B 366 20.87 0.48 43.26
C GLU B 366 19.55 0.86 43.92
N ALA B 367 19.21 2.15 43.96
CA ALA B 367 17.97 2.58 44.58
C ALA B 367 16.77 2.30 43.68
N LEU B 368 16.80 2.79 42.43
CA LEU B 368 15.68 2.49 41.54
C LEU B 368 15.62 1.00 41.18
N VAL B 369 16.75 0.30 41.28
CA VAL B 369 16.75 -1.14 41.09
C VAL B 369 15.86 -1.81 42.15
N ALA B 370 16.01 -1.41 43.41
CA ALA B 370 15.17 -1.97 44.46
C ALA B 370 13.71 -1.62 44.24
N TRP B 371 13.44 -0.38 43.80
CA TRP B 371 12.06 0.02 43.51
C TRP B 371 11.49 -0.76 42.32
N LEU B 372 12.34 -1.15 41.36
CA LEU B 372 11.86 -1.78 40.14
C LEU B 372 11.31 -3.18 40.41
N ALA B 373 11.95 -3.94 41.29
CA ALA B 373 11.51 -5.31 41.57
C ALA B 373 10.04 -5.36 41.97
N THR B 374 9.63 -4.45 42.86
CA THR B 374 8.26 -4.43 43.37
C THR B 374 7.33 -3.64 42.46
N GLN B 375 7.41 -3.91 41.16
CA GLN B 375 6.55 -3.29 40.16
C GLN B 375 5.88 -4.38 39.33
N PRO B 376 4.71 -4.09 38.78
CA PRO B 376 3.95 -5.13 38.04
C PRO B 376 4.34 -5.26 36.57
N PHE B 377 5.50 -5.86 36.30
CA PHE B 377 5.87 -6.18 34.94
C PHE B 377 6.61 -7.52 34.93
N GLN B 378 6.47 -8.26 33.84
CA GLN B 378 7.01 -9.62 33.76
C GLN B 378 8.45 -9.64 33.22
N THR B 379 8.64 -9.21 31.96
CA THR B 379 9.98 -9.19 31.39
C THR B 379 10.53 -7.80 31.14
N SER B 380 9.69 -6.82 30.77
CA SER B 380 10.21 -5.52 30.39
C SER B 380 9.37 -4.40 30.99
N PHE B 381 10.05 -3.32 31.35
CA PHE B 381 9.43 -2.09 31.82
C PHE B 381 10.08 -0.92 31.10
N HIS B 382 9.27 0.08 30.75
CA HIS B 382 9.81 1.24 30.09
C HIS B 382 8.95 2.46 30.37
N THR B 383 9.60 3.61 30.51
CA THR B 383 8.93 4.90 30.61
C THR B 383 9.82 5.97 29.98
N ASP B 384 9.19 6.99 29.41
CA ASP B 384 9.91 8.15 28.91
C ASP B 384 9.82 9.34 29.85
N ARG B 385 9.19 9.20 31.03
CA ARG B 385 9.15 10.28 32.02
C ARG B 385 9.32 9.66 33.40
N LEU B 386 10.52 9.16 33.67
CA LEU B 386 10.80 8.47 34.92
C LEU B 386 10.50 9.35 36.13
N GLY B 387 10.68 10.67 36.01
CA GLY B 387 10.54 11.55 37.15
C GLY B 387 9.13 11.57 37.72
N THR B 388 8.13 11.50 36.85
CA THR B 388 6.73 11.48 37.31
C THR B 388 6.35 10.16 37.95
N VAL B 389 7.16 9.11 37.76
CA VAL B 389 6.87 7.80 38.32
C VAL B 389 7.80 7.47 39.49
N TYR B 390 9.02 7.98 39.49
CA TYR B 390 10.04 7.65 40.49
C TYR B 390 10.74 8.95 40.87
N PRO B 391 10.22 9.67 41.86
CA PRO B 391 10.69 11.04 42.16
C PRO B 391 12.14 11.11 42.61
N PRO B 392 12.71 10.10 43.29
CA PRO B 392 14.14 10.18 43.63
C PRO B 392 15.08 10.59 42.50
N LEU B 393 14.72 10.34 41.24
CA LEU B 393 15.54 10.73 40.10
C LEU B 393 14.88 11.80 39.24
N ALA B 394 13.83 12.46 39.74
CA ALA B 394 13.20 13.52 38.97
C ALA B 394 14.17 14.66 38.64
N ALA B 395 15.18 14.88 39.49
CA ALA B 395 16.16 15.93 39.22
C ALA B 395 17.24 15.48 38.22
N ARG B 396 17.24 14.21 37.84
CA ARG B 396 18.27 13.66 36.96
C ARG B 396 17.72 13.45 35.55
N ALA B 397 16.98 14.43 35.03
CA ALA B 397 16.56 14.39 33.64
C ALA B 397 17.74 14.45 32.67
N ASP B 398 18.94 14.77 33.16
CA ASP B 398 20.11 14.84 32.27
C ASP B 398 20.61 13.47 31.84
N VAL B 399 20.25 12.41 32.55
CA VAL B 399 20.79 11.08 32.25
C VAL B 399 19.72 10.02 32.34
N ALA B 400 18.55 10.37 32.87
CA ALA B 400 17.56 9.35 33.19
C ALA B 400 16.13 9.92 33.16
N ALA B 401 15.82 10.71 32.13
CA ALA B 401 14.42 11.05 31.86
C ALA B 401 13.61 9.82 31.44
N GLY B 402 14.24 8.89 30.72
CA GLY B 402 13.60 7.65 30.35
C GLY B 402 14.48 6.45 30.65
N ILE B 403 13.83 5.33 30.97
CA ILE B 403 14.55 4.08 31.15
C ILE B 403 13.79 2.96 30.45
N LEU B 404 14.54 1.88 30.18
CA LEU B 404 14.02 0.63 29.64
C LEU B 404 14.78 -0.49 30.35
N ALA B 405 14.05 -1.33 31.08
CA ALA B 405 14.63 -2.42 31.86
C ALA B 405 14.04 -3.77 31.46
N VAL B 406 14.90 -4.80 31.38
CA VAL B 406 14.46 -6.17 31.20
C VAL B 406 14.92 -6.99 32.40
N ARG B 407 14.08 -7.96 32.78
CA ARG B 407 14.40 -8.91 33.85
C ARG B 407 15.22 -10.05 33.26
N LEU B 408 16.40 -10.30 33.84
CA LEU B 408 17.29 -11.36 33.38
C LEU B 408 17.15 -12.64 34.20
N ALA B 409 16.11 -12.77 35.02
CA ALA B 409 15.83 -13.96 35.80
C ALA B 409 14.46 -13.79 36.45
N PRO B 410 13.77 -14.89 36.78
CA PRO B 410 12.44 -14.77 37.40
C PRO B 410 12.51 -14.20 38.80
N ALA B 411 12.55 -15.07 39.81
CA ALA B 411 12.85 -14.62 41.15
C ALA B 411 14.22 -13.94 41.15
N ALA B 412 14.48 -13.18 42.23
CA ALA B 412 15.65 -12.30 42.33
C ALA B 412 15.57 -11.16 41.31
N ALA B 413 16.44 -10.17 41.46
CA ALA B 413 16.35 -8.91 40.72
C ALA B 413 17.64 -8.69 39.95
N ARG B 414 17.80 -9.44 38.86
CA ARG B 414 18.91 -9.27 37.92
C ARG B 414 18.36 -8.55 36.69
N PHE B 415 18.85 -7.33 36.44
CA PHE B 415 18.28 -6.47 35.40
C PHE B 415 19.37 -5.91 34.49
N ALA B 416 18.94 -5.53 33.30
CA ALA B 416 19.68 -4.61 32.43
C ALA B 416 18.79 -3.42 32.19
N ILE B 417 19.32 -2.22 32.43
CA ILE B 417 18.54 -1.00 32.44
C ILE B 417 19.23 0.00 31.52
N TRP B 418 18.56 0.36 30.43
CA TRP B 418 19.05 1.38 29.53
C TRP B 418 18.50 2.75 29.93
N PHE B 419 19.30 3.79 29.75
CA PHE B 419 18.94 5.13 30.19
C PHE B 419 18.97 6.09 29.01
N ARG B 420 18.02 7.02 29.01
CA ARG B 420 18.00 8.13 28.09
C ARG B 420 17.84 9.45 28.82
N PRO B 421 18.47 10.51 28.32
CA PRO B 421 18.24 11.86 28.86
C PRO B 421 16.98 12.47 28.30
N GLU B 422 16.58 13.59 28.89
CA GLU B 422 15.48 14.35 28.30
C GLU B 422 15.87 14.90 26.93
N VAL B 423 14.85 15.20 26.15
CA VAL B 423 14.98 15.94 24.90
C VAL B 423 13.95 17.06 25.03
N ALA B 424 14.42 18.30 25.08
CA ALA B 424 13.50 19.42 25.19
C ALA B 424 12.83 19.64 23.85
N ARG B 425 11.51 19.84 23.87
CA ARG B 425 10.72 20.03 22.67
C ARG B 425 9.97 21.35 22.78
N THR B 426 10.00 22.15 21.72
CA THR B 426 9.24 23.39 21.63
C THR B 426 8.07 23.15 20.69
N ILE B 427 6.86 23.18 21.24
CA ILE B 427 5.64 23.00 20.46
C ILE B 427 4.87 24.31 20.45
N SER B 428 4.32 24.67 19.30
CA SER B 428 3.54 25.89 19.12
C SER B 428 2.05 25.52 19.08
N TRP B 429 1.30 25.97 20.09
CA TRP B 429 -0.14 25.74 20.13
C TRP B 429 -0.86 26.85 19.40
N ALA B 430 -1.96 26.51 18.72
CA ALA B 430 -2.79 27.51 18.05
C ALA B 430 -3.73 28.11 19.08
N GLY B 431 -3.25 29.13 19.79
CA GLY B 431 -3.97 29.68 20.91
C GLY B 431 -3.52 29.07 22.22
N ASN B 432 -3.75 29.81 23.30
CA ASN B 432 -3.38 29.35 24.64
C ASN B 432 -4.16 28.08 24.98
N PRO B 433 -3.46 26.95 25.15
CA PRO B 433 -4.15 25.70 25.50
C PRO B 433 -4.65 25.64 26.94
N ARG B 434 -4.41 26.65 27.76
CA ARG B 434 -5.02 26.64 29.08
C ARG B 434 -6.47 27.08 29.01
N LYS B 435 -6.82 27.88 28.00
CA LYS B 435 -8.19 28.35 27.75
C LYS B 435 -8.65 27.82 26.39
N PRO B 436 -8.96 26.54 26.29
CA PRO B 436 -9.33 25.97 24.98
C PRO B 436 -10.74 26.33 24.52
N ALA B 437 -11.51 27.02 25.35
CA ALA B 437 -12.90 27.35 25.12
C ALA B 437 -13.23 28.57 25.96
N GLU B 438 -14.31 29.27 25.61
CA GLU B 438 -14.76 30.43 26.37
C GLU B 438 -16.19 30.21 26.87
N PRO B 439 -16.36 29.65 28.07
CA PRO B 439 -17.71 29.52 28.62
C PRO B 439 -18.23 30.86 29.13
N GLU B 440 -19.55 31.01 29.06
CA GLU B 440 -20.20 32.14 29.67
C GLU B 440 -20.35 31.93 31.18
N PRO B 441 -20.53 33.00 31.95
CA PRO B 441 -20.85 32.84 33.37
C PRO B 441 -21.98 31.83 33.58
N GLY B 442 -21.81 30.99 34.58
CA GLY B 442 -22.68 29.87 34.82
C GLY B 442 -22.21 28.58 34.19
N HIS B 443 -21.36 28.66 33.17
CA HIS B 443 -20.74 27.50 32.54
C HIS B 443 -21.80 26.57 31.94
N GLN B 444 -22.80 27.16 31.28
CA GLN B 444 -23.81 26.44 30.54
C GLN B 444 -23.75 26.68 29.04
N ARG B 445 -23.25 27.83 28.63
CA ARG B 445 -23.00 28.14 27.23
C ARG B 445 -21.50 28.18 27.02
N LEU B 446 -21.02 27.38 26.08
CA LEU B 446 -19.61 27.33 25.72
C LEU B 446 -19.42 27.99 24.37
N HIS B 447 -18.29 28.66 24.21
CA HIS B 447 -17.88 29.25 22.96
C HIS B 447 -16.45 28.79 22.70
N PRO B 448 -16.02 28.76 21.45
CA PRO B 448 -14.61 28.45 21.17
C PRO B 448 -13.75 29.65 21.48
N ARG B 449 -12.45 29.41 21.58
CA ARG B 449 -11.53 30.50 21.82
C ARG B 449 -11.57 31.51 20.67
N GLY B 450 -11.17 32.73 20.98
CA GLY B 450 -11.20 33.79 20.00
C GLY B 450 -9.90 33.94 19.23
N SER B 451 -8.81 33.41 19.75
CA SER B 451 -7.52 33.60 19.10
C SER B 451 -6.85 32.27 18.81
N PHE B 452 -6.19 32.19 17.67
CA PHE B 452 -5.42 31.01 17.27
C PHE B 452 -3.93 31.34 17.13
N GLN B 453 -3.48 32.44 17.71
CA GLN B 453 -2.11 32.86 17.52
C GLN B 453 -1.15 31.94 18.27
N ALA B 454 0.04 31.77 17.71
CA ALA B 454 1.04 30.87 18.26
C ALA B 454 1.23 31.10 19.75
N TRP B 455 1.24 30.02 20.51
CA TRP B 455 1.46 30.07 21.94
C TRP B 455 2.42 28.95 22.29
N GLU B 456 3.57 29.29 22.84
CA GLU B 456 4.74 28.44 22.79
C GLU B 456 5.01 27.81 24.14
N GLU B 457 5.21 26.50 24.16
CA GLU B 457 5.49 25.74 25.37
C GLU B 457 6.68 24.83 25.11
N THR B 458 7.59 24.75 26.08
CA THR B 458 8.68 23.80 26.00
C THR B 458 8.43 22.67 26.97
N VAL B 459 8.47 21.46 26.47
CA VAL B 459 8.31 20.26 27.29
C VAL B 459 9.70 19.81 27.74
N ARG B 460 9.81 19.51 29.02
CA ARG B 460 11.05 19.12 29.68
C ARG B 460 10.83 17.77 30.35
N ASP B 461 11.93 17.14 30.77
CA ASP B 461 11.92 15.94 31.61
C ASP B 461 11.36 14.69 30.94
N THR B 462 11.24 14.65 29.61
CA THR B 462 10.77 13.43 28.94
C THR B 462 11.76 13.04 27.84
N SER B 463 12.06 11.74 27.77
CA SER B 463 12.99 11.24 26.75
C SER B 463 12.30 11.11 25.40
N LEU B 464 13.07 10.76 24.38
CA LEU B 464 12.48 10.22 23.16
C LEU B 464 11.68 8.98 23.51
N PRO B 465 10.58 8.73 22.80
CA PRO B 465 9.72 7.58 23.15
C PRO B 465 10.40 6.27 22.82
N TRP B 466 10.17 5.27 23.65
CA TRP B 466 10.68 3.93 23.39
C TRP B 466 9.81 3.26 22.33
N LYS B 467 10.43 2.91 21.20
CA LYS B 467 9.75 2.37 20.04
C LYS B 467 9.73 0.84 20.09
N ARG B 468 8.97 0.25 19.16
CA ARG B 468 8.84 -1.20 19.15
C ARG B 468 10.17 -1.87 18.81
N ALA B 469 10.98 -1.26 17.95
CA ALA B 469 12.31 -1.81 17.71
C ALA B 469 13.16 -1.78 18.99
N ASP B 470 12.98 -0.76 19.83
CA ASP B 470 13.71 -0.71 21.11
C ASP B 470 13.32 -1.88 22.00
N LEU B 471 12.02 -2.08 22.21
CA LEU B 471 11.54 -3.20 23.03
C LEU B 471 11.98 -4.53 22.45
N GLY B 472 11.89 -4.67 21.13
CA GLY B 472 12.35 -5.89 20.48
C GLY B 472 13.81 -6.17 20.75
N ALA B 473 14.68 -5.15 20.60
CA ALA B 473 16.11 -5.39 20.77
C ALA B 473 16.43 -5.75 22.22
N ALA B 474 15.75 -5.11 23.17
CA ALA B 474 15.98 -5.42 24.58
C ALA B 474 15.60 -6.85 24.90
N GLU B 475 14.48 -7.33 24.34
CA GLU B 475 14.09 -8.72 24.55
C GLU B 475 15.13 -9.68 23.97
N GLY B 476 15.72 -9.32 22.83
CA GLY B 476 16.75 -10.18 22.25
C GLY B 476 18.00 -10.19 23.11
N PHE B 477 18.35 -9.04 23.69
CA PHE B 477 19.50 -8.97 24.58
C PHE B 477 19.25 -9.78 25.86
N ARG B 478 18.00 -9.83 26.29
CA ARG B 478 17.64 -10.66 27.43
C ARG B 478 17.88 -12.14 27.14
N GLY B 479 17.49 -12.59 25.94
CA GLY B 479 17.74 -13.97 25.57
C GLY B 479 19.20 -14.31 25.46
N ALA B 480 20.04 -13.34 25.12
CA ALA B 480 21.47 -13.57 25.04
C ALA B 480 22.14 -13.62 26.41
N LEU B 481 21.48 -13.11 27.45
CA LEU B 481 22.12 -12.99 28.76
C LEU B 481 21.72 -14.09 29.74
N VAL B 482 20.46 -14.52 29.78
CA VAL B 482 20.07 -15.64 30.63
C VAL B 482 20.75 -16.93 30.18
#